data_1HN3
#
_entry.id   1HN3
#
_entity_poly.entity_id   1
_entity_poly.type   'polypeptide(L)'
_entity_poly.pdbx_seq_one_letter_code
;GSHMGRRFLVTVRIQRAGRPLQERVFLVKFVRSRRPRTAS
;
_entity_poly.pdbx_strand_id   A
#
# COMPACT_ATOMS: atom_id res chain seq x y z
N GLY A 1 -12.52 -2.21 -18.05
CA GLY A 1 -13.73 -1.54 -17.47
C GLY A 1 -13.39 -0.23 -16.79
N SER A 2 -14.41 0.42 -16.22
CA SER A 2 -14.22 1.69 -15.54
C SER A 2 -14.28 1.50 -14.02
N HIS A 3 -15.46 1.15 -13.52
CA HIS A 3 -15.64 0.94 -12.09
C HIS A 3 -15.33 2.21 -11.30
N MET A 4 -15.39 2.11 -9.97
CA MET A 4 -15.12 3.25 -9.11
C MET A 4 -13.62 3.52 -9.01
N GLY A 5 -12.86 2.45 -8.77
CA GLY A 5 -11.42 2.59 -8.65
C GLY A 5 -10.94 2.51 -7.21
N ARG A 6 -11.40 1.49 -6.49
CA ARG A 6 -11.01 1.31 -5.10
C ARG A 6 -10.86 -0.18 -4.76
N ARG A 7 -10.66 -1.00 -5.79
CA ARG A 7 -10.50 -2.44 -5.59
C ARG A 7 -9.17 -2.76 -4.94
N PHE A 8 -8.14 -1.98 -5.29
CA PHE A 8 -6.80 -2.18 -4.75
C PHE A 8 -6.76 -1.84 -3.26
N LEU A 9 -7.52 -0.82 -2.88
CA LEU A 9 -7.57 -0.39 -1.48
C LEU A 9 -8.21 -1.46 -0.61
N VAL A 10 -9.19 -2.17 -1.15
CA VAL A 10 -9.88 -3.21 -0.42
C VAL A 10 -8.92 -4.31 0.02
N THR A 11 -8.00 -4.68 -0.86
CA THR A 11 -7.03 -5.73 -0.58
C THR A 11 -6.10 -5.33 0.56
N VAL A 12 -5.53 -4.13 0.47
CA VAL A 12 -4.63 -3.63 1.48
C VAL A 12 -5.32 -3.46 2.82
N ARG A 13 -6.57 -3.00 2.78
CA ARG A 13 -7.34 -2.77 4.00
C ARG A 13 -7.51 -4.08 4.78
N ILE A 14 -7.62 -5.19 4.06
CA ILE A 14 -7.78 -6.49 4.70
C ILE A 14 -6.47 -6.97 5.31
N GLN A 15 -5.35 -6.59 4.69
CA GLN A 15 -4.04 -6.98 5.18
C GLN A 15 -3.69 -6.23 6.45
N ARG A 16 -4.08 -4.96 6.52
CA ARG A 16 -3.81 -4.12 7.68
C ARG A 16 -4.43 -4.73 8.94
N ALA A 17 -5.55 -5.43 8.77
CA ALA A 17 -6.25 -6.05 9.89
C ALA A 17 -5.77 -7.48 10.11
N GLY A 18 -5.06 -8.03 9.13
CA GLY A 18 -4.56 -9.39 9.25
C GLY A 18 -3.68 -9.58 10.46
N ARG A 19 -2.37 -9.69 10.23
CA ARG A 19 -1.42 -9.87 11.32
C ARG A 19 -0.95 -8.53 11.88
N PRO A 20 -0.70 -8.46 13.20
CA PRO A 20 -0.25 -7.22 13.85
C PRO A 20 1.08 -6.73 13.29
N LEU A 21 2.12 -7.53 13.49
CA LEU A 21 3.45 -7.18 13.01
C LEU A 21 3.59 -7.47 11.53
N GLN A 22 3.83 -6.42 10.75
CA GLN A 22 3.98 -6.56 9.30
C GLN A 22 4.25 -5.20 8.65
N GLU A 23 3.57 -4.17 9.15
CA GLU A 23 3.75 -2.82 8.62
C GLU A 23 5.18 -2.35 8.78
N ARG A 24 5.85 -2.81 9.83
CA ARG A 24 7.24 -2.45 10.09
C ARG A 24 8.13 -2.86 8.93
N VAL A 25 7.85 -4.03 8.36
CA VAL A 25 8.63 -4.53 7.24
C VAL A 25 8.44 -3.69 6.00
N PHE A 26 7.21 -3.21 5.80
CA PHE A 26 6.90 -2.37 4.64
C PHE A 26 7.63 -1.03 4.73
N LEU A 27 7.68 -0.48 5.94
CA LEU A 27 8.34 0.80 6.16
C LEU A 27 9.82 0.70 5.81
N VAL A 28 10.43 -0.44 6.12
CA VAL A 28 11.84 -0.66 5.82
C VAL A 28 12.09 -0.55 4.32
N LYS A 29 11.27 -1.24 3.54
CA LYS A 29 11.40 -1.22 2.10
C LYS A 29 11.01 0.13 1.53
N PHE A 30 9.99 0.75 2.11
CA PHE A 30 9.51 2.04 1.67
C PHE A 30 10.55 3.12 1.95
N VAL A 31 11.10 3.11 3.16
CA VAL A 31 12.12 4.08 3.56
C VAL A 31 13.41 3.85 2.79
N ARG A 32 13.74 2.59 2.53
CA ARG A 32 14.95 2.24 1.81
C ARG A 32 14.98 2.92 0.44
N SER A 33 13.80 3.12 -0.14
CA SER A 33 13.69 3.76 -1.45
C SER A 33 12.59 4.82 -1.44
N ARG A 34 12.87 5.94 -0.79
CA ARG A 34 11.91 7.03 -0.71
C ARG A 34 12.07 8.00 -1.88
N ARG A 35 11.04 8.12 -2.70
CA ARG A 35 11.08 9.01 -3.85
C ARG A 35 9.67 9.47 -4.24
N PRO A 36 9.49 10.76 -4.53
CA PRO A 36 8.19 11.31 -4.92
C PRO A 36 7.77 10.88 -6.32
N ARG A 37 6.55 11.27 -6.70
CA ARG A 37 6.03 10.91 -8.03
C ARG A 37 5.39 12.13 -8.69
N THR A 38 5.51 12.21 -10.01
CA THR A 38 4.93 13.31 -10.76
C THR A 38 4.11 12.80 -11.94
N ALA A 39 3.04 13.52 -12.27
CA ALA A 39 2.17 13.15 -13.38
C ALA A 39 2.91 13.24 -14.72
N SER A 40 2.35 12.61 -15.74
CA SER A 40 2.96 12.62 -17.06
C SER A 40 1.89 12.80 -18.14
N GLY A 1 -25.39 -1.91 -9.38
CA GLY A 1 -24.15 -1.08 -9.46
C GLY A 1 -23.54 -1.10 -10.84
N SER A 2 -22.32 -1.63 -10.94
CA SER A 2 -21.62 -1.71 -12.21
C SER A 2 -20.45 -2.70 -12.13
N HIS A 3 -20.77 -3.97 -11.95
CA HIS A 3 -19.75 -5.01 -11.85
C HIS A 3 -18.81 -4.74 -10.68
N MET A 4 -19.33 -4.13 -9.63
CA MET A 4 -18.54 -3.82 -8.45
C MET A 4 -18.89 -4.73 -7.28
N GLY A 5 -18.14 -4.63 -6.19
CA GLY A 5 -18.39 -5.46 -5.03
C GLY A 5 -18.21 -4.70 -3.73
N ARG A 6 -19.20 -4.80 -2.85
CA ARG A 6 -19.15 -4.11 -1.57
C ARG A 6 -18.69 -5.08 -0.45
N ARG A 7 -19.36 -6.22 -0.37
CA ARG A 7 -19.03 -7.22 0.64
C ARG A 7 -17.62 -7.78 0.41
N PHE A 8 -17.34 -8.16 -0.83
CA PHE A 8 -16.04 -8.71 -1.18
C PHE A 8 -14.93 -7.70 -0.94
N LEU A 9 -15.26 -6.43 -1.15
CA LEU A 9 -14.30 -5.35 -0.96
C LEU A 9 -13.84 -5.27 0.50
N VAL A 10 -14.76 -5.57 1.41
CA VAL A 10 -14.47 -5.54 2.83
C VAL A 10 -13.35 -6.50 3.19
N THR A 11 -13.34 -7.66 2.53
CA THR A 11 -12.32 -8.68 2.79
C THR A 11 -10.93 -8.19 2.37
N VAL A 12 -10.84 -7.66 1.16
CA VAL A 12 -9.59 -7.17 0.63
C VAL A 12 -9.12 -5.93 1.38
N ARG A 13 -10.07 -5.06 1.73
CA ARG A 13 -9.75 -3.83 2.44
C ARG A 13 -9.07 -4.12 3.78
N ILE A 14 -9.46 -5.22 4.41
CA ILE A 14 -8.89 -5.61 5.69
C ILE A 14 -7.50 -6.24 5.50
N GLN A 15 -7.35 -6.99 4.42
CA GLN A 15 -6.07 -7.63 4.13
C GLN A 15 -5.04 -6.62 3.66
N ARG A 16 -5.51 -5.56 3.00
CA ARG A 16 -4.62 -4.51 2.51
C ARG A 16 -4.24 -3.55 3.63
N ALA A 17 -5.11 -3.43 4.63
CA ALA A 17 -4.85 -2.54 5.76
C ALA A 17 -3.81 -3.13 6.71
N GLY A 18 -3.57 -4.43 6.59
CA GLY A 18 -2.59 -5.08 7.45
C GLY A 18 -1.17 -4.64 7.15
N ARG A 19 -0.51 -4.03 8.13
CA ARG A 19 0.85 -3.57 7.96
C ARG A 19 1.76 -4.15 9.03
N PRO A 20 2.16 -5.43 8.88
CA PRO A 20 3.03 -6.11 9.84
C PRO A 20 4.39 -5.44 9.96
N LEU A 21 5.14 -5.43 8.86
CA LEU A 21 6.46 -4.82 8.82
C LEU A 21 6.89 -4.53 7.39
N GLN A 22 6.65 -5.49 6.51
CA GLN A 22 7.01 -5.35 5.10
C GLN A 22 6.37 -4.11 4.50
N GLU A 23 5.19 -3.76 4.98
CA GLU A 23 4.47 -2.59 4.48
C GLU A 23 5.23 -1.31 4.81
N ARG A 24 5.74 -1.23 6.04
CA ARG A 24 6.50 -0.06 6.47
C ARG A 24 7.79 0.08 5.67
N VAL A 25 8.41 -1.06 5.36
CA VAL A 25 9.65 -1.07 4.60
C VAL A 25 9.43 -0.55 3.18
N PHE A 26 8.27 -0.87 2.62
CA PHE A 26 7.94 -0.44 1.26
C PHE A 26 7.88 1.08 1.18
N LEU A 27 7.32 1.71 2.22
CA LEU A 27 7.21 3.17 2.26
C LEU A 27 8.59 3.81 2.21
N VAL A 28 9.56 3.18 2.86
CA VAL A 28 10.92 3.69 2.89
C VAL A 28 11.49 3.77 1.48
N LYS A 29 11.36 2.68 0.73
CA LYS A 29 11.85 2.63 -0.64
C LYS A 29 11.00 3.51 -1.55
N PHE A 30 9.70 3.55 -1.27
CA PHE A 30 8.78 4.35 -2.07
C PHE A 30 9.04 5.84 -1.87
N VAL A 31 9.21 6.25 -0.62
CA VAL A 31 9.47 7.65 -0.30
C VAL A 31 10.86 8.06 -0.78
N ARG A 32 11.81 7.13 -0.68
CA ARG A 32 13.17 7.40 -1.10
C ARG A 32 13.24 7.70 -2.59
N SER A 33 12.33 7.09 -3.35
CA SER A 33 12.28 7.29 -4.80
C SER A 33 11.42 8.50 -5.14
N ARG A 34 11.39 8.86 -6.42
CA ARG A 34 10.61 9.99 -6.89
C ARG A 34 11.03 11.28 -6.17
N ARG A 35 12.30 11.33 -5.78
CA ARG A 35 12.83 12.50 -5.08
C ARG A 35 14.24 12.82 -5.57
N PRO A 36 14.54 14.10 -5.84
CA PRO A 36 15.86 14.52 -6.31
C PRO A 36 16.96 14.21 -5.30
N ARG A 37 16.58 14.13 -4.03
CA ARG A 37 17.54 13.82 -2.96
C ARG A 37 17.88 12.34 -2.94
N THR A 38 19.17 12.03 -2.99
CA THR A 38 19.64 10.66 -2.98
C THR A 38 20.84 10.49 -2.06
N ALA A 39 21.89 11.27 -2.32
CA ALA A 39 23.10 11.21 -1.52
C ALA A 39 23.73 9.83 -1.57
N SER A 40 24.29 9.48 -2.73
CA SER A 40 24.92 8.19 -2.93
C SER A 40 25.82 8.19 -4.16
N GLY A 1 -23.90 -0.07 -14.72
CA GLY A 1 -22.46 0.11 -14.38
C GLY A 1 -21.57 -0.93 -15.04
N SER A 2 -20.91 -1.73 -14.22
CA SER A 2 -20.03 -2.78 -14.73
C SER A 2 -20.10 -4.03 -13.86
N HIS A 3 -19.87 -3.85 -12.56
CA HIS A 3 -19.91 -4.97 -11.62
C HIS A 3 -19.81 -4.48 -10.19
N MET A 4 -18.93 -3.51 -9.95
CA MET A 4 -18.73 -2.94 -8.62
C MET A 4 -18.22 -4.00 -7.66
N GLY A 5 -16.90 -4.05 -7.49
CA GLY A 5 -16.30 -5.02 -6.59
C GLY A 5 -15.64 -4.36 -5.39
N ARG A 6 -15.21 -5.18 -4.44
CA ARG A 6 -14.56 -4.66 -3.24
C ARG A 6 -13.35 -5.51 -2.87
N ARG A 7 -12.70 -6.10 -3.88
CA ARG A 7 -11.53 -6.93 -3.65
C ARG A 7 -10.37 -6.10 -3.12
N PHE A 8 -10.15 -4.93 -3.72
CA PHE A 8 -9.08 -4.04 -3.31
C PHE A 8 -9.33 -3.50 -1.91
N LEU A 9 -10.60 -3.31 -1.58
CA LEU A 9 -10.99 -2.79 -0.27
C LEU A 9 -10.45 -3.68 0.85
N VAL A 10 -10.40 -4.99 0.60
CA VAL A 10 -9.92 -5.94 1.57
C VAL A 10 -8.47 -5.65 1.94
N THR A 11 -7.65 -5.33 0.95
CA THR A 11 -6.24 -5.03 1.18
C THR A 11 -6.05 -3.78 2.01
N VAL A 12 -6.72 -2.70 1.61
CA VAL A 12 -6.62 -1.43 2.31
C VAL A 12 -7.26 -1.50 3.69
N ARG A 13 -8.37 -2.24 3.78
CA ARG A 13 -9.08 -2.39 5.05
C ARG A 13 -8.18 -3.00 6.12
N ILE A 14 -7.32 -3.93 5.70
CA ILE A 14 -6.40 -4.58 6.63
C ILE A 14 -5.22 -3.67 6.96
N GLN A 15 -4.79 -2.88 5.98
CA GLN A 15 -3.67 -1.97 6.17
C GLN A 15 -4.08 -0.79 7.06
N ARG A 16 -5.27 -0.28 6.83
CA ARG A 16 -5.79 0.85 7.60
C ARG A 16 -5.83 0.52 9.09
N ALA A 17 -5.98 -0.76 9.39
CA ALA A 17 -6.04 -1.22 10.78
C ALA A 17 -4.66 -1.20 11.43
N GLY A 18 -3.61 -1.14 10.61
CA GLY A 18 -2.27 -1.12 11.14
C GLY A 18 -1.32 -1.99 10.34
N ARG A 19 -0.06 -1.55 10.24
CA ARG A 19 0.95 -2.29 9.51
C ARG A 19 2.21 -2.51 10.35
N PRO A 20 2.25 -3.63 11.10
CA PRO A 20 3.39 -3.96 11.97
C PRO A 20 4.69 -4.10 11.19
N LEU A 21 4.75 -5.14 10.36
CA LEU A 21 5.93 -5.41 9.55
C LEU A 21 5.61 -5.32 8.06
N GLN A 22 4.36 -5.62 7.70
CA GLN A 22 3.93 -5.59 6.31
C GLN A 22 4.28 -4.25 5.66
N GLU A 23 4.35 -3.20 6.47
CA GLU A 23 4.66 -1.86 5.98
C GLU A 23 6.06 -1.83 5.38
N ARG A 24 6.98 -2.60 5.96
CA ARG A 24 8.35 -2.65 5.49
C ARG A 24 8.42 -3.23 4.07
N VAL A 25 7.58 -4.22 3.81
CA VAL A 25 7.54 -4.86 2.49
C VAL A 25 7.02 -3.90 1.43
N PHE A 26 6.03 -3.10 1.81
CA PHE A 26 5.44 -2.14 0.88
C PHE A 26 6.45 -1.07 0.49
N LEU A 27 7.31 -0.69 1.44
CA LEU A 27 8.33 0.31 1.19
C LEU A 27 9.28 -0.15 0.08
N VAL A 28 9.57 -1.45 0.06
CA VAL A 28 10.46 -2.01 -0.94
C VAL A 28 9.91 -1.77 -2.35
N LYS A 29 8.65 -2.11 -2.54
CA LYS A 29 7.99 -1.93 -3.83
C LYS A 29 7.78 -0.45 -4.12
N PHE A 30 7.46 0.32 -3.08
CA PHE A 30 7.22 1.75 -3.23
C PHE A 30 8.51 2.48 -3.61
N VAL A 31 9.60 2.15 -2.92
CA VAL A 31 10.89 2.78 -3.19
C VAL A 31 11.40 2.38 -4.58
N ARG A 32 11.12 1.13 -4.97
CA ARG A 32 11.56 0.63 -6.27
C ARG A 32 10.99 1.48 -7.39
N SER A 33 9.81 2.05 -7.16
CA SER A 33 9.16 2.90 -8.16
C SER A 33 9.17 4.36 -7.73
N ARG A 34 8.75 5.24 -8.64
CA ARG A 34 8.71 6.67 -8.35
C ARG A 34 10.10 7.20 -8.01
N ARG A 35 10.26 8.52 -8.09
CA ARG A 35 11.55 9.14 -7.79
C ARG A 35 11.72 9.34 -6.28
N PRO A 36 12.74 8.68 -5.68
CA PRO A 36 13.01 8.80 -4.25
C PRO A 36 13.54 10.17 -3.87
N ARG A 37 12.73 10.93 -3.13
CA ARG A 37 13.13 12.27 -2.69
C ARG A 37 13.41 12.29 -1.19
N THR A 38 14.42 13.07 -0.80
CA THR A 38 14.79 13.18 0.61
C THR A 38 15.28 14.60 0.93
N ALA A 39 15.33 14.91 2.22
CA ALA A 39 15.77 16.23 2.66
C ALA A 39 16.13 16.22 4.14
N SER A 40 16.61 15.07 4.62
CA SER A 40 16.99 14.93 6.02
C SER A 40 18.48 14.61 6.15
N GLY A 1 -26.55 0.47 -6.54
CA GLY A 1 -25.62 1.49 -7.11
C GLY A 1 -24.98 1.02 -8.41
N SER A 2 -23.88 1.65 -8.79
CA SER A 2 -23.18 1.31 -10.02
C SER A 2 -21.78 0.78 -9.71
N HIS A 3 -21.35 -0.20 -10.49
CA HIS A 3 -20.02 -0.79 -10.30
C HIS A 3 -19.90 -1.46 -8.94
N MET A 4 -19.17 -2.57 -8.89
CA MET A 4 -18.99 -3.30 -7.64
C MET A 4 -17.94 -4.40 -7.82
N GLY A 5 -16.92 -4.37 -6.97
CA GLY A 5 -15.87 -5.37 -7.05
C GLY A 5 -16.00 -6.44 -5.98
N ARG A 6 -15.13 -7.44 -6.04
CA ARG A 6 -15.17 -8.53 -5.08
C ARG A 6 -13.76 -8.99 -4.72
N ARG A 7 -12.95 -9.27 -5.73
CA ARG A 7 -11.57 -9.71 -5.52
C ARG A 7 -10.71 -8.56 -5.01
N PHE A 8 -10.81 -7.42 -5.68
CA PHE A 8 -10.03 -6.25 -5.28
C PHE A 8 -10.49 -5.71 -3.93
N LEU A 9 -11.80 -5.75 -3.70
CA LEU A 9 -12.38 -5.26 -2.47
C LEU A 9 -11.94 -6.12 -1.28
N VAL A 10 -11.79 -7.41 -1.51
CA VAL A 10 -11.39 -8.33 -0.46
C VAL A 10 -10.05 -7.92 0.17
N THR A 11 -9.12 -7.48 -0.68
CA THR A 11 -7.80 -7.06 -0.22
C THR A 11 -7.88 -5.82 0.67
N VAL A 12 -8.59 -4.81 0.20
CA VAL A 12 -8.74 -3.57 0.94
C VAL A 12 -9.54 -3.77 2.22
N ARG A 13 -10.56 -4.60 2.15
CA ARG A 13 -11.41 -4.88 3.30
C ARG A 13 -10.61 -5.46 4.46
N ILE A 14 -9.59 -6.26 4.13
CA ILE A 14 -8.75 -6.87 5.14
C ILE A 14 -7.82 -5.85 5.78
N GLN A 15 -7.42 -4.85 5.00
CA GLN A 15 -6.53 -3.80 5.49
C GLN A 15 -7.22 -2.98 6.58
N ARG A 16 -8.51 -2.73 6.39
CA ARG A 16 -9.29 -1.95 7.35
C ARG A 16 -9.71 -2.80 8.55
N ALA A 17 -9.51 -4.11 8.46
CA ALA A 17 -9.87 -5.02 9.53
C ALA A 17 -8.71 -5.21 10.52
N GLY A 18 -7.69 -4.36 10.42
CA GLY A 18 -6.55 -4.47 11.31
C GLY A 18 -5.40 -5.22 10.69
N ARG A 19 -4.26 -4.56 10.52
CA ARG A 19 -3.08 -5.17 9.93
C ARG A 19 -1.81 -4.61 10.54
N PRO A 20 -1.29 -5.26 11.60
CA PRO A 20 -0.07 -4.81 12.27
C PRO A 20 1.13 -4.78 11.33
N LEU A 21 1.51 -5.96 10.86
CA LEU A 21 2.64 -6.10 9.95
C LEU A 21 2.39 -5.32 8.66
N GLN A 22 3.25 -4.33 8.39
CA GLN A 22 3.12 -3.52 7.19
C GLN A 22 4.21 -2.46 7.13
N GLU A 23 4.56 -1.91 8.29
CA GLU A 23 5.60 -0.88 8.38
C GLU A 23 6.92 -1.40 7.82
N ARG A 24 7.18 -2.69 8.01
CA ARG A 24 8.41 -3.29 7.52
C ARG A 24 8.52 -3.18 6.01
N VAL A 25 7.38 -3.36 5.34
CA VAL A 25 7.33 -3.28 3.88
C VAL A 25 7.58 -1.85 3.41
N PHE A 26 7.08 -0.88 4.17
CA PHE A 26 7.25 0.53 3.83
C PHE A 26 8.72 0.92 3.85
N LEU A 27 9.46 0.37 4.81
CA LEU A 27 10.89 0.68 4.94
C LEU A 27 11.64 0.25 3.69
N VAL A 28 11.23 -0.87 3.11
CA VAL A 28 11.87 -1.38 1.91
C VAL A 28 11.77 -0.38 0.77
N LYS A 29 10.57 0.15 0.57
CA LYS A 29 10.33 1.13 -0.49
C LYS A 29 11.01 2.46 -0.15
N PHE A 30 10.94 2.83 1.12
CA PHE A 30 11.54 4.08 1.58
C PHE A 30 13.06 4.03 1.47
N VAL A 31 13.65 2.93 1.92
CA VAL A 31 15.09 2.75 1.86
C VAL A 31 15.57 2.58 0.42
N ARG A 32 14.75 1.92 -0.40
CA ARG A 32 15.09 1.70 -1.80
C ARG A 32 15.33 3.01 -2.51
N SER A 33 14.50 4.01 -2.23
CA SER A 33 14.64 5.32 -2.85
C SER A 33 15.82 6.08 -2.25
N ARG A 34 16.95 6.05 -2.95
CA ARG A 34 18.16 6.73 -2.50
C ARG A 34 18.49 7.92 -3.39
N ARG A 35 18.22 7.78 -4.68
CA ARG A 35 18.50 8.84 -5.64
C ARG A 35 17.21 9.46 -6.16
N PRO A 36 16.56 10.32 -5.35
CA PRO A 36 15.32 10.99 -5.74
C PRO A 36 15.55 12.13 -6.73
N ARG A 37 14.52 12.46 -7.50
CA ARG A 37 14.62 13.54 -8.48
C ARG A 37 13.78 14.73 -8.06
N THR A 38 14.43 15.87 -7.85
CA THR A 38 13.75 17.09 -7.45
C THR A 38 14.42 18.32 -8.06
N ALA A 39 14.02 18.65 -9.28
CA ALA A 39 14.59 19.81 -9.97
C ALA A 39 16.10 19.68 -10.12
N SER A 40 16.57 18.44 -10.26
CA SER A 40 18.00 18.19 -10.41
C SER A 40 18.23 16.99 -11.32
N GLY A 1 -17.58 -6.53 -14.21
CA GLY A 1 -16.61 -5.43 -14.46
C GLY A 1 -15.38 -5.52 -13.57
N SER A 2 -15.04 -6.74 -13.15
CA SER A 2 -13.89 -6.96 -12.29
C SER A 2 -14.05 -6.22 -10.97
N HIS A 3 -15.28 -6.17 -10.47
CA HIS A 3 -15.57 -5.49 -9.21
C HIS A 3 -16.93 -5.93 -8.66
N MET A 4 -16.91 -6.94 -7.79
CA MET A 4 -18.13 -7.44 -7.19
C MET A 4 -18.01 -7.53 -5.67
N GLY A 5 -18.99 -7.00 -4.96
CA GLY A 5 -18.97 -7.04 -3.51
C GLY A 5 -19.38 -5.71 -2.90
N ARG A 6 -19.95 -5.77 -1.70
CA ARG A 6 -20.39 -4.56 -1.00
C ARG A 6 -19.20 -3.83 -0.38
N ARG A 7 -19.33 -2.51 -0.26
CA ARG A 7 -18.27 -1.69 0.31
C ARG A 7 -17.97 -2.12 1.75
N PHE A 8 -19.00 -2.56 2.45
CA PHE A 8 -18.85 -2.99 3.84
C PHE A 8 -17.91 -4.19 3.93
N LEU A 9 -18.09 -5.15 3.04
CA LEU A 9 -17.26 -6.34 3.01
C LEU A 9 -15.78 -5.97 2.85
N VAL A 10 -15.53 -4.92 2.08
CA VAL A 10 -14.18 -4.46 1.83
C VAL A 10 -13.52 -3.94 3.10
N THR A 11 -14.27 -3.17 3.89
CA THR A 11 -13.75 -2.61 5.13
C THR A 11 -13.46 -3.69 6.15
N VAL A 12 -14.43 -4.58 6.36
CA VAL A 12 -14.28 -5.67 7.31
C VAL A 12 -13.22 -6.67 6.86
N ARG A 13 -13.15 -6.91 5.55
CA ARG A 13 -12.18 -7.85 5.00
C ARG A 13 -10.75 -7.43 5.33
N ILE A 14 -10.49 -6.14 5.29
CA ILE A 14 -9.16 -5.61 5.59
C ILE A 14 -8.88 -5.68 7.08
N GLN A 15 -9.92 -5.54 7.89
CA GLN A 15 -9.78 -5.59 9.35
C GLN A 15 -9.49 -7.01 9.81
N ARG A 16 -10.12 -7.98 9.16
CA ARG A 16 -9.94 -9.39 9.52
C ARG A 16 -8.48 -9.80 9.36
N ALA A 17 -7.84 -9.32 8.30
CA ALA A 17 -6.44 -9.64 8.04
C ALA A 17 -5.51 -8.61 8.68
N GLY A 18 -6.06 -7.46 9.03
CA GLY A 18 -5.25 -6.41 9.64
C GLY A 18 -4.44 -5.64 8.61
N ARG A 19 -3.18 -5.35 8.94
CA ARG A 19 -2.30 -4.62 8.04
C ARG A 19 -0.90 -5.23 8.03
N PRO A 20 -0.76 -6.47 7.55
CA PRO A 20 0.53 -7.16 7.47
C PRO A 20 1.48 -6.49 6.49
N LEU A 21 1.12 -6.54 5.23
CA LEU A 21 1.94 -5.94 4.18
C LEU A 21 1.76 -4.43 4.14
N GLN A 22 2.81 -3.71 4.51
CA GLN A 22 2.78 -2.25 4.53
C GLN A 22 4.19 -1.67 4.69
N GLU A 23 4.97 -2.29 5.57
CA GLU A 23 6.33 -1.83 5.82
C GLU A 23 7.21 -2.09 4.60
N ARG A 24 7.03 -3.24 3.98
CA ARG A 24 7.79 -3.61 2.79
C ARG A 24 7.46 -2.69 1.63
N VAL A 25 6.19 -2.30 1.55
CA VAL A 25 5.74 -1.41 0.48
C VAL A 25 6.44 -0.06 0.55
N PHE A 26 6.71 0.40 1.78
CA PHE A 26 7.39 1.67 1.99
C PHE A 26 8.79 1.64 1.38
N LEU A 27 9.49 0.53 1.57
CA LEU A 27 10.83 0.38 1.04
C LEU A 27 10.83 0.48 -0.48
N VAL A 28 9.78 -0.06 -1.09
CA VAL A 28 9.65 -0.02 -2.55
C VAL A 28 9.61 1.42 -3.04
N LYS A 29 8.75 2.22 -2.43
CA LYS A 29 8.62 3.62 -2.79
C LYS A 29 9.86 4.42 -2.37
N PHE A 30 10.42 4.06 -1.23
CA PHE A 30 11.60 4.74 -0.71
C PHE A 30 12.81 4.47 -1.61
N VAL A 31 13.00 3.21 -1.98
CA VAL A 31 14.11 2.83 -2.83
C VAL A 31 13.96 3.43 -4.23
N ARG A 32 12.72 3.50 -4.70
CA ARG A 32 12.43 4.05 -6.02
C ARG A 32 12.85 5.51 -6.10
N SER A 33 12.53 6.27 -5.07
CA SER A 33 12.87 7.69 -5.01
C SER A 33 14.23 7.89 -4.37
N ARG A 34 15.24 8.14 -5.20
CA ARG A 34 16.60 8.36 -4.71
C ARG A 34 17.26 9.52 -5.43
N ARG A 35 17.87 10.42 -4.67
CA ARG A 35 18.54 11.58 -5.25
C ARG A 35 19.74 12.00 -4.39
N PRO A 36 20.89 11.35 -4.60
CA PRO A 36 22.12 11.65 -3.84
C PRO A 36 22.71 13.00 -4.23
N ARG A 37 22.48 13.42 -5.47
CA ARG A 37 22.99 14.70 -5.96
C ARG A 37 22.01 15.83 -5.64
N THR A 38 22.50 16.85 -4.95
CA THR A 38 21.67 18.00 -4.58
C THR A 38 21.16 18.71 -5.82
N ALA A 39 19.91 19.15 -5.76
CA ALA A 39 19.30 19.86 -6.88
C ALA A 39 19.95 21.22 -7.08
N SER A 40 20.36 21.85 -5.99
CA SER A 40 21.00 23.15 -6.05
C SER A 40 22.50 23.02 -6.25
N GLY A 1 -29.84 -2.55 -0.21
CA GLY A 1 -29.45 -2.03 -1.55
C GLY A 1 -27.94 -1.98 -1.74
N SER A 2 -27.41 -3.00 -2.41
CA SER A 2 -25.98 -3.08 -2.66
C SER A 2 -25.69 -3.90 -3.92
N HIS A 3 -24.85 -3.36 -4.79
CA HIS A 3 -24.49 -4.04 -6.02
C HIS A 3 -23.56 -5.23 -5.75
N MET A 4 -23.14 -5.89 -6.81
CA MET A 4 -22.25 -7.05 -6.69
C MET A 4 -20.94 -6.65 -6.02
N GLY A 5 -20.34 -5.56 -6.47
CA GLY A 5 -19.10 -5.09 -5.90
C GLY A 5 -17.89 -5.80 -6.50
N ARG A 6 -16.73 -5.15 -6.44
CA ARG A 6 -15.51 -5.72 -6.97
C ARG A 6 -14.28 -4.99 -6.43
N ARG A 7 -14.13 -3.73 -6.80
CA ARG A 7 -13.01 -2.92 -6.34
C ARG A 7 -13.03 -2.76 -4.83
N PHE A 8 -14.21 -2.48 -4.29
CA PHE A 8 -14.37 -2.31 -2.85
C PHE A 8 -13.95 -3.57 -2.10
N LEU A 9 -14.24 -4.72 -2.69
CA LEU A 9 -13.91 -6.00 -2.08
C LEU A 9 -12.39 -6.18 -2.01
N VAL A 10 -11.69 -5.67 -3.01
CA VAL A 10 -10.26 -5.77 -3.07
C VAL A 10 -9.60 -5.08 -1.88
N THR A 11 -10.21 -4.00 -1.41
CA THR A 11 -9.68 -3.25 -0.28
C THR A 11 -9.62 -4.10 0.98
N VAL A 12 -10.73 -4.77 1.29
CA VAL A 12 -10.81 -5.61 2.47
C VAL A 12 -9.91 -6.84 2.34
N ARG A 13 -9.85 -7.39 1.14
CA ARG A 13 -9.04 -8.58 0.88
C ARG A 13 -7.57 -8.31 1.18
N ILE A 14 -7.13 -7.08 0.94
CA ILE A 14 -5.75 -6.70 1.20
C ILE A 14 -5.49 -6.53 2.70
N GLN A 15 -6.52 -6.09 3.42
CA GLN A 15 -6.40 -5.89 4.85
C GLN A 15 -6.31 -7.22 5.58
N ARG A 16 -7.06 -8.21 5.10
CA ARG A 16 -7.06 -9.53 5.71
C ARG A 16 -5.84 -10.34 5.26
N ALA A 17 -5.37 -10.08 4.05
CA ALA A 17 -4.21 -10.78 3.51
C ALA A 17 -2.92 -10.27 4.13
N GLY A 18 -2.98 -9.10 4.75
CA GLY A 18 -1.80 -8.52 5.37
C GLY A 18 -1.98 -7.05 5.73
N ARG A 19 -1.22 -6.20 5.05
CA ARG A 19 -1.30 -4.76 5.31
C ARG A 19 -1.18 -3.98 4.00
N PRO A 20 -2.27 -3.33 3.55
CA PRO A 20 -2.28 -2.55 2.31
C PRO A 20 -1.28 -1.40 2.35
N LEU A 21 -1.53 -0.47 3.25
CA LEU A 21 -0.66 0.69 3.42
C LEU A 21 0.51 0.38 4.34
N GLN A 22 1.73 0.42 3.79
CA GLN A 22 2.93 0.14 4.56
C GLN A 22 4.18 0.29 3.70
N GLU A 23 4.08 -0.11 2.44
CA GLU A 23 5.20 -0.02 1.52
C GLU A 23 5.61 1.43 1.30
N ARG A 24 4.61 2.31 1.21
CA ARG A 24 4.87 3.73 1.00
C ARG A 24 5.57 4.34 2.20
N VAL A 25 5.17 3.91 3.40
CA VAL A 25 5.76 4.41 4.62
C VAL A 25 7.20 3.95 4.76
N PHE A 26 7.48 2.72 4.34
CA PHE A 26 8.82 2.16 4.41
C PHE A 26 9.77 2.91 3.49
N LEU A 27 9.29 3.28 2.31
CA LEU A 27 10.10 4.02 1.35
C LEU A 27 10.54 5.36 1.93
N VAL A 28 9.65 5.99 2.68
CA VAL A 28 9.95 7.27 3.30
C VAL A 28 11.14 7.15 4.25
N LYS A 29 11.08 6.16 5.12
CA LYS A 29 12.15 5.91 6.08
C LYS A 29 13.40 5.40 5.39
N PHE A 30 13.21 4.54 4.39
CA PHE A 30 14.33 3.97 3.64
C PHE A 30 15.07 5.05 2.85
N VAL A 31 14.31 5.91 2.17
CA VAL A 31 14.90 6.99 1.39
C VAL A 31 15.53 8.03 2.30
N ARG A 32 14.89 8.29 3.44
CA ARG A 32 15.40 9.27 4.39
C ARG A 32 16.66 8.76 5.08
N SER A 33 16.65 7.49 5.45
CA SER A 33 17.80 6.89 6.13
C SER A 33 18.88 6.49 5.12
N ARG A 34 18.45 6.07 3.93
CA ARG A 34 19.39 5.66 2.88
C ARG A 34 19.25 6.55 1.65
N ARG A 35 20.38 7.00 1.12
CA ARG A 35 20.37 7.87 -0.06
C ARG A 35 20.10 7.06 -1.33
N PRO A 36 18.94 7.28 -1.98
CA PRO A 36 18.58 6.56 -3.20
C PRO A 36 19.65 6.68 -4.29
N ARG A 37 19.44 5.97 -5.39
CA ARG A 37 20.38 5.99 -6.50
C ARG A 37 19.77 6.69 -7.72
N THR A 38 18.46 6.57 -7.86
CA THR A 38 17.76 7.18 -8.97
C THR A 38 17.00 8.43 -8.52
N ALA A 39 16.92 9.42 -9.39
CA ALA A 39 16.22 10.66 -9.08
C ALA A 39 14.79 10.64 -9.62
N SER A 40 13.83 10.83 -8.72
CA SER A 40 12.42 10.82 -9.09
C SER A 40 11.74 12.11 -8.63
N GLY A 1 -18.89 -12.04 -10.47
CA GLY A 1 -19.80 -10.86 -10.41
C GLY A 1 -19.05 -9.54 -10.40
N SER A 2 -19.78 -8.45 -10.26
CA SER A 2 -19.17 -7.12 -10.22
C SER A 2 -20.07 -6.13 -9.47
N HIS A 3 -19.47 -5.03 -9.03
CA HIS A 3 -20.21 -4.00 -8.29
C HIS A 3 -19.73 -2.61 -8.70
N MET A 4 -20.29 -1.59 -8.04
CA MET A 4 -19.92 -0.21 -8.32
C MET A 4 -19.67 0.56 -7.04
N GLY A 5 -18.66 1.43 -7.05
CA GLY A 5 -18.34 2.22 -5.87
C GLY A 5 -16.89 2.65 -5.83
N ARG A 6 -16.23 2.41 -4.71
CA ARG A 6 -14.83 2.78 -4.55
C ARG A 6 -13.91 1.72 -5.14
N ARG A 7 -13.37 2.02 -6.32
CA ARG A 7 -12.49 1.08 -7.01
C ARG A 7 -11.14 0.99 -6.30
N PHE A 8 -10.55 2.15 -5.99
CA PHE A 8 -9.26 2.20 -5.33
C PHE A 8 -9.30 1.47 -3.99
N LEU A 9 -10.45 1.51 -3.32
CA LEU A 9 -10.62 0.86 -2.03
C LEU A 9 -10.38 -0.65 -2.15
N VAL A 10 -10.78 -1.22 -3.28
CA VAL A 10 -10.61 -2.64 -3.52
C VAL A 10 -9.14 -3.04 -3.54
N THR A 11 -8.30 -2.21 -4.15
CA THR A 11 -6.87 -2.49 -4.24
C THR A 11 -6.22 -2.45 -2.87
N VAL A 12 -6.49 -1.39 -2.12
CA VAL A 12 -5.93 -1.22 -0.79
C VAL A 12 -6.39 -2.33 0.16
N ARG A 13 -7.66 -2.69 0.05
CA ARG A 13 -8.23 -3.73 0.90
C ARG A 13 -7.50 -5.05 0.72
N ILE A 14 -7.03 -5.31 -0.51
CA ILE A 14 -6.31 -6.54 -0.81
C ILE A 14 -4.87 -6.47 -0.32
N GLN A 15 -4.28 -5.28 -0.43
CA GLN A 15 -2.90 -5.07 -0.01
C GLN A 15 -2.80 -5.07 1.51
N ARG A 16 -3.74 -4.39 2.17
CA ARG A 16 -3.75 -4.31 3.62
C ARG A 16 -4.10 -5.65 4.24
N ALA A 17 -4.80 -6.49 3.48
CA ALA A 17 -5.20 -7.81 3.96
C ALA A 17 -4.08 -8.83 3.78
N GLY A 18 -2.92 -8.39 3.30
CA GLY A 18 -1.80 -9.29 3.10
C GLY A 18 -0.50 -8.73 3.63
N ARG A 19 0.36 -9.61 4.13
CA ARG A 19 1.65 -9.20 4.66
C ARG A 19 1.47 -8.29 5.88
N PRO A 20 1.35 -8.87 7.08
CA PRO A 20 1.17 -8.10 8.32
C PRO A 20 2.35 -7.17 8.59
N LEU A 21 3.51 -7.76 8.82
CA LEU A 21 4.72 -7.00 9.09
C LEU A 21 5.03 -6.05 7.95
N GLN A 22 4.84 -4.75 8.19
CA GLN A 22 5.09 -3.74 7.17
C GLN A 22 5.29 -2.37 7.80
N GLU A 23 4.44 -2.06 8.78
CA GLU A 23 4.52 -0.77 9.47
C GLU A 23 5.93 -0.51 9.99
N ARG A 24 6.48 -1.49 10.70
CA ARG A 24 7.83 -1.36 11.25
C ARG A 24 8.86 -1.23 10.13
N VAL A 25 8.64 -1.96 9.06
CA VAL A 25 9.54 -1.94 7.91
C VAL A 25 9.48 -0.59 7.19
N PHE A 26 8.29 -0.01 7.16
CA PHE A 26 8.09 1.29 6.51
C PHE A 26 9.04 2.34 7.08
N LEU A 27 9.19 2.34 8.40
CA LEU A 27 10.07 3.29 9.07
C LEU A 27 11.50 3.13 8.58
N VAL A 28 11.91 1.88 8.37
CA VAL A 28 13.26 1.59 7.91
C VAL A 28 13.51 2.24 6.56
N LYS A 29 12.57 2.05 5.64
CA LYS A 29 12.68 2.61 4.30
C LYS A 29 12.52 4.13 4.34
N PHE A 30 11.60 4.60 5.18
CA PHE A 30 11.33 6.02 5.31
C PHE A 30 12.54 6.75 5.91
N VAL A 31 13.10 6.17 6.96
CA VAL A 31 14.26 6.76 7.62
C VAL A 31 15.49 6.69 6.72
N ARG A 32 15.60 5.61 5.97
CA ARG A 32 16.73 5.41 5.06
C ARG A 32 16.66 6.39 3.90
N SER A 33 15.46 6.59 3.36
CA SER A 33 15.27 7.50 2.24
C SER A 33 13.78 7.79 2.03
N ARG A 34 13.49 8.92 1.39
CA ARG A 34 12.11 9.31 1.14
C ARG A 34 11.94 9.83 -0.29
N ARG A 35 11.14 9.13 -1.08
CA ARG A 35 10.90 9.50 -2.47
C ARG A 35 9.59 8.89 -2.98
N PRO A 36 8.82 9.65 -3.76
CA PRO A 36 7.55 9.18 -4.32
C PRO A 36 7.73 8.40 -5.63
N ARG A 37 8.97 8.05 -5.95
CA ARG A 37 9.26 7.31 -7.17
C ARG A 37 8.46 6.02 -7.24
N THR A 38 7.67 5.86 -8.30
CA THR A 38 6.86 4.66 -8.48
C THR A 38 6.57 4.42 -9.96
N ALA A 39 6.18 5.48 -10.66
CA ALA A 39 5.88 5.37 -12.08
C ALA A 39 6.48 6.54 -12.85
N SER A 40 6.27 7.75 -12.34
CA SER A 40 6.80 8.96 -12.98
C SER A 40 8.03 9.47 -12.25
N GLY A 1 -31.74 -8.05 -8.01
CA GLY A 1 -32.13 -6.65 -7.67
C GLY A 1 -31.19 -5.62 -8.29
N SER A 2 -30.67 -4.73 -7.46
CA SER A 2 -29.76 -3.69 -7.93
C SER A 2 -29.02 -3.04 -6.77
N HIS A 3 -27.77 -3.44 -6.56
CA HIS A 3 -26.96 -2.89 -5.47
C HIS A 3 -25.85 -2.01 -6.02
N MET A 4 -25.12 -2.52 -7.00
CA MET A 4 -24.03 -1.79 -7.62
C MET A 4 -22.95 -1.45 -6.59
N GLY A 5 -21.83 -2.15 -6.66
CA GLY A 5 -20.75 -1.90 -5.72
C GLY A 5 -19.43 -2.50 -6.20
N ARG A 6 -18.39 -2.32 -5.39
CA ARG A 6 -17.06 -2.85 -5.73
C ARG A 6 -16.79 -4.15 -5.00
N ARG A 7 -17.20 -5.26 -5.60
CA ARG A 7 -16.98 -6.58 -5.01
C ARG A 7 -15.50 -6.89 -4.85
N PHE A 8 -14.70 -6.39 -5.80
CA PHE A 8 -13.26 -6.61 -5.77
C PHE A 8 -12.65 -6.04 -4.50
N LEU A 9 -13.13 -4.87 -4.09
CA LEU A 9 -12.63 -4.22 -2.88
C LEU A 9 -12.86 -5.10 -1.65
N VAL A 10 -13.96 -5.84 -1.65
CA VAL A 10 -14.30 -6.71 -0.55
C VAL A 10 -13.24 -7.79 -0.36
N THR A 11 -12.74 -8.33 -1.47
CA THR A 11 -11.73 -9.38 -1.43
C THR A 11 -10.42 -8.87 -0.83
N VAL A 12 -9.95 -7.74 -1.36
CA VAL A 12 -8.72 -7.14 -0.91
C VAL A 12 -8.83 -6.62 0.52
N ARG A 13 -10.00 -6.08 0.85
CA ARG A 13 -10.24 -5.54 2.18
C ARG A 13 -10.07 -6.60 3.25
N ILE A 14 -10.42 -7.84 2.92
CA ILE A 14 -10.30 -8.95 3.86
C ILE A 14 -8.83 -9.28 4.12
N GLN A 15 -8.01 -9.15 3.09
CA GLN A 15 -6.59 -9.44 3.20
C GLN A 15 -5.88 -8.35 4.01
N ARG A 16 -6.41 -7.14 3.95
CA ARG A 16 -5.84 -6.01 4.68
C ARG A 16 -5.80 -6.29 6.18
N ALA A 17 -6.62 -7.22 6.64
CA ALA A 17 -6.67 -7.56 8.06
C ALA A 17 -5.46 -8.39 8.47
N GLY A 18 -4.76 -8.96 7.50
CA GLY A 18 -3.59 -9.76 7.79
C GLY A 18 -2.33 -9.20 7.15
N ARG A 19 -2.14 -7.90 7.28
CA ARG A 19 -0.97 -7.23 6.71
C ARG A 19 -0.39 -6.21 7.69
N PRO A 20 0.90 -5.86 7.53
CA PRO A 20 1.56 -4.89 8.40
C PRO A 20 0.97 -3.49 8.26
N LEU A 21 0.96 -3.00 7.03
CA LEU A 21 0.42 -1.67 6.74
C LEU A 21 1.27 -0.57 7.38
N GLN A 22 2.44 -0.94 7.88
CA GLN A 22 3.34 0.01 8.53
C GLN A 22 4.77 -0.15 8.03
N GLU A 23 5.21 -1.40 7.91
CA GLU A 23 6.55 -1.69 7.44
C GLU A 23 6.81 -1.07 6.07
N ARG A 24 5.75 -0.95 5.28
CA ARG A 24 5.86 -0.37 3.94
C ARG A 24 6.37 1.06 4.01
N VAL A 25 5.93 1.79 5.03
CA VAL A 25 6.34 3.18 5.22
C VAL A 25 7.82 3.26 5.59
N PHE A 26 8.29 2.28 6.36
CA PHE A 26 9.68 2.23 6.78
C PHE A 26 10.60 2.10 5.58
N LEU A 27 10.16 1.35 4.58
CA LEU A 27 10.95 1.13 3.37
C LEU A 27 11.21 2.45 2.67
N VAL A 28 10.25 3.36 2.71
CA VAL A 28 10.39 4.66 2.07
C VAL A 28 11.57 5.42 2.66
N LYS A 29 11.60 5.48 3.99
CA LYS A 29 12.68 6.18 4.69
C LYS A 29 13.99 5.41 4.56
N PHE A 30 13.90 4.09 4.57
CA PHE A 30 15.08 3.23 4.46
C PHE A 30 15.70 3.36 3.06
N VAL A 31 14.85 3.30 2.04
CA VAL A 31 15.33 3.41 0.66
C VAL A 31 15.82 4.82 0.37
N ARG A 32 15.15 5.81 0.95
CA ARG A 32 15.53 7.20 0.76
C ARG A 32 16.96 7.44 1.21
N SER A 33 17.40 6.70 2.22
CA SER A 33 18.74 6.83 2.75
C SER A 33 19.76 6.14 1.84
N ARG A 34 19.86 6.61 0.61
CA ARG A 34 20.80 6.04 -0.35
C ARG A 34 21.19 7.08 -1.40
N ARG A 35 21.89 8.11 -0.95
CA ARG A 35 22.34 9.18 -1.85
C ARG A 35 21.15 9.81 -2.58
N PRO A 36 20.67 10.96 -2.09
CA PRO A 36 19.54 11.67 -2.71
C PRO A 36 19.66 11.77 -4.23
N ARG A 37 18.53 11.70 -4.92
CA ARG A 37 18.51 11.78 -6.37
C ARG A 37 19.04 13.13 -6.84
N THR A 38 20.06 13.10 -7.70
CA THR A 38 20.66 14.31 -8.22
C THR A 38 20.64 14.31 -9.75
N ALA A 39 19.58 14.90 -10.32
CA ALA A 39 19.44 14.97 -11.77
C ALA A 39 18.84 16.30 -12.20
N SER A 40 19.10 16.69 -13.44
CA SER A 40 18.59 17.95 -13.97
C SER A 40 18.73 17.99 -15.49
N GLY A 1 -4.58 -0.06 -7.68
CA GLY A 1 -4.93 -1.46 -7.28
C GLY A 1 -5.58 -2.24 -8.41
N SER A 2 -6.52 -3.11 -8.07
CA SER A 2 -7.21 -3.92 -9.06
C SER A 2 -8.72 -3.85 -8.86
N HIS A 3 -9.37 -2.93 -9.56
CA HIS A 3 -10.82 -2.75 -9.46
C HIS A 3 -11.22 -2.41 -8.03
N MET A 4 -12.47 -1.98 -7.86
CA MET A 4 -12.97 -1.62 -6.55
C MET A 4 -14.50 -1.53 -6.55
N GLY A 5 -15.15 -2.63 -6.19
CA GLY A 5 -16.60 -2.66 -6.16
C GLY A 5 -17.17 -1.93 -4.96
N ARG A 6 -17.31 -2.64 -3.85
CA ARG A 6 -17.85 -2.05 -2.62
C ARG A 6 -16.72 -1.44 -1.78
N ARG A 7 -17.00 -0.25 -1.22
CA ARG A 7 -16.02 0.44 -0.40
C ARG A 7 -15.81 -0.27 0.93
N PHE A 8 -16.91 -0.69 1.55
CA PHE A 8 -16.85 -1.38 2.84
C PHE A 8 -16.22 -2.76 2.69
N LEU A 9 -16.58 -3.46 1.62
CA LEU A 9 -16.06 -4.79 1.37
C LEU A 9 -14.55 -4.76 1.08
N VAL A 10 -14.13 -3.77 0.31
CA VAL A 10 -12.71 -3.63 -0.03
C VAL A 10 -11.84 -3.53 1.22
N THR A 11 -12.32 -2.80 2.21
CA THR A 11 -11.58 -2.62 3.45
C THR A 11 -11.42 -3.95 4.19
N VAL A 12 -12.52 -4.68 4.31
CA VAL A 12 -12.51 -5.98 5.00
C VAL A 12 -11.71 -7.00 4.20
N ARG A 13 -11.82 -6.93 2.88
CA ARG A 13 -11.12 -7.87 2.01
C ARG A 13 -9.61 -7.73 2.17
N ILE A 14 -9.14 -6.49 2.29
CA ILE A 14 -7.72 -6.21 2.46
C ILE A 14 -7.27 -6.49 3.89
N GLN A 15 -8.17 -6.24 4.84
CA GLN A 15 -7.87 -6.46 6.25
C GLN A 15 -7.80 -7.94 6.58
N ARG A 16 -8.74 -8.71 6.04
CA ARG A 16 -8.79 -10.14 6.28
C ARG A 16 -7.78 -10.88 5.41
N ALA A 17 -7.70 -10.49 4.14
CA ALA A 17 -6.77 -11.11 3.21
C ALA A 17 -5.43 -10.37 3.16
N GLY A 18 -5.22 -9.49 4.14
CA GLY A 18 -3.97 -8.74 4.18
C GLY A 18 -3.49 -8.50 5.60
N ARG A 19 -2.17 -8.39 5.77
CA ARG A 19 -1.58 -8.16 7.07
C ARG A 19 -0.11 -7.76 6.94
N PRO A 20 0.15 -6.49 6.58
CA PRO A 20 1.51 -5.98 6.42
C PRO A 20 2.32 -6.06 7.70
N LEU A 21 1.92 -5.29 8.69
CA LEU A 21 2.60 -5.25 9.98
C LEU A 21 4.00 -4.68 9.85
N GLN A 22 4.89 -5.45 9.24
CA GLN A 22 6.28 -5.02 9.03
C GLN A 22 6.45 -4.40 7.65
N GLU A 23 5.67 -4.88 6.69
CA GLU A 23 5.73 -4.38 5.33
C GLU A 23 5.43 -2.88 5.28
N ARG A 24 4.60 -2.43 6.22
CA ARG A 24 4.24 -1.02 6.29
C ARG A 24 5.47 -0.14 6.46
N VAL A 25 6.44 -0.64 7.23
CA VAL A 25 7.67 0.09 7.47
C VAL A 25 8.49 0.22 6.19
N PHE A 26 8.45 -0.83 5.37
CA PHE A 26 9.19 -0.85 4.12
C PHE A 26 8.84 0.36 3.25
N LEU A 27 7.55 0.71 3.24
CA LEU A 27 7.09 1.85 2.45
C LEU A 27 7.76 3.14 2.92
N VAL A 28 7.93 3.26 4.23
CA VAL A 28 8.57 4.44 4.81
C VAL A 28 9.99 4.59 4.28
N LYS A 29 10.73 3.50 4.31
CA LYS A 29 12.11 3.50 3.83
C LYS A 29 12.16 3.62 2.31
N PHE A 30 11.20 2.97 1.65
CA PHE A 30 11.13 3.01 0.19
C PHE A 30 10.80 4.42 -0.30
N VAL A 31 9.80 5.04 0.33
CA VAL A 31 9.38 6.38 -0.04
C VAL A 31 10.45 7.41 0.33
N ARG A 32 11.12 7.17 1.46
CA ARG A 32 12.17 8.07 1.92
C ARG A 32 13.28 8.21 0.88
N SER A 33 13.71 7.08 0.31
CA SER A 33 14.75 7.09 -0.70
C SER A 33 14.62 5.89 -1.63
N ARG A 34 14.70 6.15 -2.92
CA ARG A 34 14.59 5.09 -3.93
C ARG A 34 14.79 5.65 -5.34
N ARG A 35 14.23 6.82 -5.58
CA ARG A 35 14.34 7.47 -6.88
C ARG A 35 14.12 8.99 -6.76
N PRO A 36 15.01 9.68 -6.03
CA PRO A 36 14.91 11.13 -5.83
C PRO A 36 15.01 11.90 -7.15
N ARG A 37 14.01 12.73 -7.42
CA ARG A 37 13.98 13.52 -8.65
C ARG A 37 13.98 12.62 -9.88
N THR A 38 12.88 12.67 -10.63
CA THR A 38 12.75 11.85 -11.84
C THR A 38 11.63 12.38 -12.72
N ALA A 39 10.48 12.64 -12.12
CA ALA A 39 9.34 13.16 -12.86
C ALA A 39 9.65 14.49 -13.52
N SER A 40 10.48 15.30 -12.85
CA SER A 40 10.86 16.60 -13.39
C SER A 40 12.38 16.78 -13.34
N GLY A 1 -32.94 -4.24 -9.13
CA GLY A 1 -32.77 -5.14 -7.95
C GLY A 1 -31.69 -4.65 -7.00
N SER A 2 -30.44 -4.94 -7.33
CA SER A 2 -29.31 -4.52 -6.50
C SER A 2 -29.49 -5.00 -5.06
N HIS A 3 -29.24 -6.28 -4.83
CA HIS A 3 -29.37 -6.85 -3.49
C HIS A 3 -28.00 -7.11 -2.87
N MET A 4 -27.23 -8.00 -3.48
CA MET A 4 -25.90 -8.34 -2.99
C MET A 4 -24.83 -7.91 -3.99
N GLY A 5 -24.25 -6.73 -3.76
CA GLY A 5 -23.21 -6.23 -4.65
C GLY A 5 -21.88 -6.91 -4.42
N ARG A 6 -20.90 -6.15 -3.96
CA ARG A 6 -19.56 -6.68 -3.71
C ARG A 6 -18.86 -5.90 -2.60
N ARG A 7 -19.65 -5.27 -1.74
CA ARG A 7 -19.09 -4.49 -0.64
C ARG A 7 -18.48 -5.39 0.43
N PHE A 8 -19.14 -6.52 0.69
CA PHE A 8 -18.66 -7.48 1.68
C PHE A 8 -17.38 -8.14 1.20
N LEU A 9 -17.29 -8.41 -0.09
CA LEU A 9 -16.12 -9.06 -0.67
C LEU A 9 -14.89 -8.15 -0.56
N VAL A 10 -15.11 -6.85 -0.69
CA VAL A 10 -14.03 -5.87 -0.62
C VAL A 10 -13.34 -5.92 0.75
N THR A 11 -14.13 -6.06 1.80
CA THR A 11 -13.60 -6.09 3.16
C THR A 11 -12.73 -7.33 3.38
N VAL A 12 -13.25 -8.48 2.97
CA VAL A 12 -12.53 -9.73 3.13
C VAL A 12 -11.30 -9.79 2.23
N ARG A 13 -11.44 -9.30 1.01
CA ARG A 13 -10.33 -9.31 0.04
C ARG A 13 -9.16 -8.46 0.51
N ILE A 14 -9.45 -7.29 1.06
CA ILE A 14 -8.41 -6.40 1.54
C ILE A 14 -7.88 -6.85 2.90
N GLN A 15 -8.76 -7.42 3.71
CA GLN A 15 -8.37 -7.90 5.04
C GLN A 15 -7.53 -9.16 4.94
N ARG A 16 -7.79 -9.96 3.91
CA ARG A 16 -7.05 -11.20 3.70
C ARG A 16 -5.67 -10.93 3.11
N ALA A 17 -5.51 -9.77 2.48
CA ALA A 17 -4.24 -9.39 1.87
C ALA A 17 -3.21 -8.99 2.94
N GLY A 18 -3.68 -8.71 4.15
CA GLY A 18 -2.78 -8.33 5.21
C GLY A 18 -2.42 -6.85 5.17
N ARG A 19 -1.12 -6.55 5.19
CA ARG A 19 -0.67 -5.17 5.15
C ARG A 19 0.27 -4.94 3.96
N PRO A 20 -0.29 -4.76 2.76
CA PRO A 20 0.49 -4.52 1.55
C PRO A 20 1.23 -3.20 1.59
N LEU A 21 0.48 -2.13 1.82
CA LEU A 21 1.05 -0.79 1.88
C LEU A 21 2.04 -0.67 3.04
N GLN A 22 3.31 -0.44 2.71
CA GLN A 22 4.35 -0.30 3.71
C GLN A 22 5.70 -0.01 3.07
N GLU A 23 6.03 -0.79 2.05
CA GLU A 23 7.29 -0.62 1.34
C GLU A 23 7.33 0.72 0.63
N ARG A 24 6.18 1.14 0.12
CA ARG A 24 6.08 2.42 -0.58
C ARG A 24 6.32 3.59 0.37
N VAL A 25 5.84 3.44 1.60
CA VAL A 25 5.98 4.48 2.62
C VAL A 25 7.46 4.73 2.92
N PHE A 26 8.25 3.66 2.90
CA PHE A 26 9.68 3.76 3.18
C PHE A 26 10.37 4.64 2.15
N LEU A 27 9.96 4.51 0.89
CA LEU A 27 10.54 5.29 -0.19
C LEU A 27 10.33 6.78 0.05
N VAL A 28 9.17 7.12 0.60
CA VAL A 28 8.85 8.51 0.89
C VAL A 28 9.87 9.12 1.85
N LYS A 29 10.11 8.41 2.95
CA LYS A 29 11.07 8.86 3.95
C LYS A 29 12.49 8.77 3.43
N PHE A 30 12.76 7.73 2.64
CA PHE A 30 14.09 7.53 2.07
C PHE A 30 14.42 8.62 1.06
N VAL A 31 13.47 8.91 0.17
CA VAL A 31 13.66 9.94 -0.84
C VAL A 31 13.76 11.33 -0.20
N ARG A 32 12.99 11.54 0.86
CA ARG A 32 13.00 12.81 1.56
C ARG A 32 14.33 13.04 2.26
N SER A 33 14.88 11.98 2.84
CA SER A 33 16.16 12.06 3.54
C SER A 33 17.19 11.12 2.91
N ARG A 34 17.50 11.37 1.65
CA ARG A 34 18.47 10.53 0.93
C ARG A 34 19.88 10.79 1.44
N ARG A 35 20.80 9.88 1.11
CA ARG A 35 22.19 10.00 1.53
C ARG A 35 23.14 9.92 0.33
N PRO A 36 23.69 11.05 -0.11
CA PRO A 36 24.61 11.09 -1.26
C PRO A 36 25.71 10.05 -1.15
N ARG A 37 25.65 9.04 -2.01
CA ARG A 37 26.65 7.98 -2.01
C ARG A 37 27.38 7.92 -3.35
N THR A 38 26.64 7.59 -4.41
CA THR A 38 27.21 7.50 -5.74
C THR A 38 27.37 8.87 -6.36
N ALA A 39 26.29 9.65 -6.34
CA ALA A 39 26.30 11.00 -6.91
C ALA A 39 26.50 10.96 -8.42
N SER A 40 27.74 10.73 -8.84
CA SER A 40 28.07 10.68 -10.26
C SER A 40 27.74 9.30 -10.83
N GLY A 1 -30.42 -7.95 -8.53
CA GLY A 1 -29.18 -7.59 -7.78
C GLY A 1 -29.33 -7.78 -6.28
N SER A 2 -29.75 -8.98 -5.87
CA SER A 2 -29.94 -9.28 -4.46
C SER A 2 -28.65 -9.79 -3.84
N HIS A 3 -28.01 -10.75 -4.50
CA HIS A 3 -26.76 -11.33 -4.01
C HIS A 3 -25.64 -10.29 -4.03
N MET A 4 -25.52 -9.53 -2.95
CA MET A 4 -24.49 -8.50 -2.85
C MET A 4 -23.24 -9.07 -2.19
N GLY A 5 -22.09 -8.44 -2.47
CA GLY A 5 -20.84 -8.90 -1.91
C GLY A 5 -19.72 -8.93 -2.92
N ARG A 6 -18.73 -9.78 -2.68
CA ARG A 6 -17.59 -9.91 -3.58
C ARG A 6 -16.72 -8.66 -3.53
N ARG A 7 -17.26 -7.55 -4.03
CA ARG A 7 -16.53 -6.28 -4.04
C ARG A 7 -16.35 -5.74 -2.63
N PHE A 8 -17.45 -5.72 -1.87
CA PHE A 8 -17.41 -5.22 -0.50
C PHE A 8 -16.46 -6.06 0.36
N LEU A 9 -16.39 -7.35 0.05
CA LEU A 9 -15.52 -8.26 0.79
C LEU A 9 -14.05 -7.90 0.59
N VAL A 10 -13.72 -7.43 -0.60
CA VAL A 10 -12.35 -7.06 -0.93
C VAL A 10 -11.91 -5.84 -0.13
N THR A 11 -12.82 -4.89 0.06
CA THR A 11 -12.50 -3.67 0.79
C THR A 11 -12.23 -3.96 2.26
N VAL A 12 -13.12 -4.72 2.89
CA VAL A 12 -12.99 -5.07 4.30
C VAL A 12 -11.77 -5.96 4.53
N ARG A 13 -11.52 -6.86 3.59
CA ARG A 13 -10.39 -7.79 3.71
C ARG A 13 -9.07 -7.02 3.81
N ILE A 14 -8.98 -5.89 3.12
CA ILE A 14 -7.77 -5.08 3.15
C ILE A 14 -7.64 -4.32 4.47
N GLN A 15 -8.78 -3.91 5.01
CA GLN A 15 -8.80 -3.18 6.27
C GLN A 15 -8.47 -4.10 7.44
N ARG A 16 -8.99 -5.34 7.37
CA ARG A 16 -8.76 -6.32 8.42
C ARG A 16 -7.38 -6.98 8.28
N ALA A 17 -6.82 -6.91 7.06
CA ALA A 17 -5.52 -7.51 6.80
C ALA A 17 -4.40 -6.66 7.38
N GLY A 18 -4.70 -5.41 7.70
CA GLY A 18 -3.70 -4.52 8.26
C GLY A 18 -3.16 -3.53 7.25
N ARG A 19 -1.93 -3.77 6.79
CA ARG A 19 -1.31 -2.89 5.80
C ARG A 19 -2.13 -2.82 4.53
N PRO A 20 -2.00 -1.71 3.77
CA PRO A 20 -2.75 -1.52 2.52
C PRO A 20 -2.42 -2.59 1.49
N LEU A 21 -1.18 -2.60 1.03
CA LEU A 21 -0.72 -3.57 0.05
C LEU A 21 0.75 -3.38 -0.27
N GLN A 22 1.06 -2.26 -0.92
CA GLN A 22 2.44 -1.95 -1.29
C GLN A 22 2.80 -0.52 -0.93
N GLU A 23 1.91 0.17 -0.23
CA GLU A 23 2.15 1.55 0.18
C GLU A 23 3.32 1.64 1.15
N ARG A 24 3.39 0.69 2.07
CA ARG A 24 4.46 0.66 3.06
C ARG A 24 5.81 0.41 2.40
N VAL A 25 5.81 -0.44 1.37
CA VAL A 25 7.02 -0.76 0.65
C VAL A 25 7.56 0.45 -0.11
N PHE A 26 6.64 1.23 -0.67
CA PHE A 26 7.02 2.42 -1.43
C PHE A 26 7.67 3.45 -0.52
N LEU A 27 7.13 3.59 0.69
CA LEU A 27 7.67 4.55 1.65
C LEU A 27 9.10 4.20 2.01
N VAL A 28 9.38 2.91 2.15
CA VAL A 28 10.71 2.45 2.50
C VAL A 28 11.72 2.88 1.43
N LYS A 29 11.35 2.67 0.17
CA LYS A 29 12.20 3.04 -0.94
C LYS A 29 12.28 4.55 -1.09
N PHE A 30 11.14 5.21 -0.92
CA PHE A 30 11.08 6.67 -1.03
C PHE A 30 11.90 7.34 0.06
N VAL A 31 11.74 6.85 1.29
CA VAL A 31 12.47 7.41 2.43
C VAL A 31 13.96 7.11 2.31
N ARG A 32 14.29 5.94 1.78
CA ARG A 32 15.68 5.54 1.61
C ARG A 32 16.35 6.36 0.51
N SER A 33 15.62 6.60 -0.57
CA SER A 33 16.14 7.37 -1.69
C SER A 33 16.54 8.77 -1.25
N ARG A 34 17.80 8.93 -0.86
CA ARG A 34 18.31 10.22 -0.42
C ARG A 34 19.82 10.18 -0.27
N ARG A 35 20.53 10.45 -1.36
CA ARG A 35 21.99 10.45 -1.35
C ARG A 35 22.54 11.24 -2.53
N PRO A 36 23.42 12.22 -2.27
CA PRO A 36 24.01 13.04 -3.33
C PRO A 36 24.68 12.21 -4.41
N ARG A 37 24.96 12.82 -5.55
CA ARG A 37 25.61 12.13 -6.67
C ARG A 37 26.22 13.12 -7.64
N THR A 38 26.66 14.26 -7.12
CA THR A 38 27.27 15.30 -7.96
C THR A 38 28.34 16.06 -7.17
N ALA A 39 28.00 16.46 -5.96
CA ALA A 39 28.92 17.20 -5.11
C ALA A 39 29.27 16.42 -3.85
N SER A 40 30.45 16.67 -3.30
CA SER A 40 30.89 15.98 -2.10
C SER A 40 30.90 16.93 -0.90
N GLY A 1 -26.79 -8.72 -16.05
CA GLY A 1 -25.40 -8.56 -15.54
C GLY A 1 -25.35 -8.44 -14.02
N SER A 2 -24.57 -7.48 -13.54
CA SER A 2 -24.42 -7.27 -12.10
C SER A 2 -25.77 -6.93 -11.46
N HIS A 3 -25.75 -6.58 -10.19
CA HIS A 3 -26.97 -6.23 -9.47
C HIS A 3 -26.66 -5.81 -8.03
N MET A 4 -25.71 -6.50 -7.41
CA MET A 4 -25.32 -6.20 -6.04
C MET A 4 -24.02 -5.41 -6.00
N GLY A 5 -23.98 -4.39 -5.15
CA GLY A 5 -22.78 -3.56 -5.03
C GLY A 5 -22.44 -3.27 -3.58
N ARG A 6 -21.70 -4.18 -2.97
CA ARG A 6 -21.30 -4.01 -1.56
C ARG A 6 -20.29 -5.08 -1.14
N ARG A 7 -20.44 -6.28 -1.69
CA ARG A 7 -19.56 -7.39 -1.38
C ARG A 7 -18.10 -7.04 -1.69
N PHE A 8 -17.91 -6.22 -2.73
CA PHE A 8 -16.57 -5.81 -3.14
C PHE A 8 -15.86 -5.09 -1.99
N LEU A 9 -16.61 -4.27 -1.26
CA LEU A 9 -16.05 -3.53 -0.14
C LEU A 9 -15.64 -4.48 0.99
N VAL A 10 -16.40 -5.56 1.14
CA VAL A 10 -16.13 -6.53 2.17
C VAL A 10 -14.79 -7.24 1.94
N THR A 11 -14.51 -7.57 0.68
CA THR A 11 -13.27 -8.26 0.32
C THR A 11 -12.06 -7.38 0.59
N VAL A 12 -12.10 -6.15 0.09
CA VAL A 12 -11.01 -5.21 0.27
C VAL A 12 -10.88 -4.78 1.73
N ARG A 13 -12.02 -4.64 2.40
CA ARG A 13 -12.03 -4.23 3.81
C ARG A 13 -11.25 -5.22 4.67
N ILE A 14 -11.38 -6.50 4.34
CA ILE A 14 -10.69 -7.54 5.10
C ILE A 14 -9.20 -7.54 4.81
N GLN A 15 -8.83 -7.16 3.59
CA GLN A 15 -7.43 -7.10 3.18
C GLN A 15 -6.69 -5.99 3.92
N ARG A 16 -7.44 -4.93 4.26
CA ARG A 16 -6.85 -3.78 4.97
C ARG A 16 -6.70 -4.08 6.45
N ALA A 17 -7.50 -5.02 6.96
CA ALA A 17 -7.45 -5.39 8.37
C ALA A 17 -6.45 -6.52 8.62
N GLY A 18 -5.61 -6.81 7.63
CA GLY A 18 -4.63 -7.87 7.77
C GLY A 18 -3.26 -7.35 8.12
N ARG A 19 -2.41 -7.19 7.11
CA ARG A 19 -1.05 -6.71 7.33
C ARG A 19 -0.57 -5.90 6.12
N PRO A 20 -0.52 -4.56 6.24
CA PRO A 20 -0.08 -3.68 5.14
C PRO A 20 1.35 -4.01 4.70
N LEU A 21 2.29 -3.74 5.59
CA LEU A 21 3.70 -3.99 5.30
C LEU A 21 4.23 -3.07 4.19
N GLN A 22 3.44 -2.06 3.84
CA GLN A 22 3.82 -1.11 2.81
C GLN A 22 4.68 0.01 3.37
N GLU A 23 4.39 0.41 4.60
CA GLU A 23 5.12 1.48 5.26
C GLU A 23 6.57 1.08 5.47
N ARG A 24 6.80 -0.21 5.73
CA ARG A 24 8.14 -0.72 5.96
C ARG A 24 8.98 -0.62 4.69
N VAL A 25 8.35 -0.86 3.56
CA VAL A 25 9.03 -0.79 2.26
C VAL A 25 9.58 0.61 2.00
N PHE A 26 8.84 1.62 2.43
CA PHE A 26 9.26 3.01 2.24
C PHE A 26 10.60 3.27 2.92
N LEU A 27 10.75 2.77 4.14
CA LEU A 27 11.98 2.95 4.89
C LEU A 27 13.15 2.32 4.15
N VAL A 28 12.90 1.18 3.52
CA VAL A 28 13.93 0.47 2.77
C VAL A 28 14.47 1.35 1.64
N LYS A 29 13.55 1.95 0.88
CA LYS A 29 13.93 2.82 -0.21
C LYS A 29 14.52 4.12 0.30
N PHE A 30 13.97 4.63 1.40
CA PHE A 30 14.45 5.87 2.00
C PHE A 30 15.85 5.69 2.56
N VAL A 31 16.06 4.60 3.28
CA VAL A 31 17.36 4.31 3.87
C VAL A 31 18.40 4.04 2.80
N ARG A 32 17.97 3.39 1.72
CA ARG A 32 18.87 3.08 0.61
C ARG A 32 19.51 4.35 0.06
N SER A 33 18.79 5.46 0.15
CA SER A 33 19.31 6.74 -0.33
C SER A 33 19.64 7.66 0.83
N ARG A 34 20.21 8.83 0.52
CA ARG A 34 20.59 9.78 1.55
C ARG A 34 20.45 11.21 1.04
N ARG A 35 21.30 11.56 0.07
CA ARG A 35 21.29 12.90 -0.51
C ARG A 35 21.97 12.89 -1.87
N PRO A 36 21.18 12.83 -2.97
CA PRO A 36 21.72 12.82 -4.32
C PRO A 36 22.33 14.16 -4.71
N ARG A 37 22.74 14.28 -5.97
CA ARG A 37 23.35 15.52 -6.46
C ARG A 37 22.37 16.68 -6.38
N THR A 38 21.10 16.40 -6.68
CA THR A 38 20.07 17.42 -6.64
C THR A 38 18.68 16.79 -6.47
N ALA A 39 18.40 15.77 -7.28
CA ALA A 39 17.12 15.09 -7.22
C ALA A 39 17.28 13.60 -7.50
N SER A 40 16.22 12.84 -7.25
CA SER A 40 16.25 11.40 -7.49
C SER A 40 16.07 11.07 -8.96
N GLY A 1 -16.48 -4.81 -6.94
CA GLY A 1 -17.83 -4.81 -6.30
C GLY A 1 -18.81 -3.89 -7.02
N SER A 2 -18.54 -2.59 -6.97
CA SER A 2 -19.40 -1.61 -7.61
C SER A 2 -18.66 -0.90 -8.75
N HIS A 3 -18.31 -1.66 -9.79
CA HIS A 3 -17.61 -1.11 -10.94
C HIS A 3 -16.17 -0.74 -10.57
N MET A 4 -16.02 0.22 -9.67
CA MET A 4 -14.70 0.68 -9.24
C MET A 4 -13.81 -0.50 -8.87
N GLY A 5 -12.57 -0.46 -9.33
CA GLY A 5 -11.63 -1.53 -9.04
C GLY A 5 -10.18 -1.06 -9.05
N ARG A 6 -9.93 0.07 -8.40
CA ARG A 6 -8.58 0.64 -8.34
C ARG A 6 -7.61 -0.36 -7.70
N ARG A 7 -6.51 -0.62 -8.40
CA ARG A 7 -5.51 -1.55 -7.90
C ARG A 7 -4.85 -1.03 -6.63
N PHE A 8 -4.57 0.27 -6.60
CA PHE A 8 -3.94 0.90 -5.44
C PHE A 8 -4.78 0.68 -4.18
N LEU A 9 -6.09 0.89 -4.32
CA LEU A 9 -7.01 0.73 -3.20
C LEU A 9 -6.94 -0.68 -2.63
N VAL A 10 -6.70 -1.65 -3.50
CA VAL A 10 -6.62 -3.03 -3.10
C VAL A 10 -5.43 -3.28 -2.18
N THR A 11 -4.27 -2.75 -2.55
CA THR A 11 -3.06 -2.93 -1.75
C THR A 11 -3.16 -2.24 -0.39
N VAL A 12 -3.57 -0.97 -0.41
CA VAL A 12 -3.71 -0.19 0.81
C VAL A 12 -4.76 -0.78 1.75
N ARG A 13 -5.83 -1.31 1.17
CA ARG A 13 -6.91 -1.89 1.95
C ARG A 13 -6.41 -3.05 2.83
N ILE A 14 -5.43 -3.78 2.33
CA ILE A 14 -4.86 -4.90 3.07
C ILE A 14 -4.20 -4.42 4.36
N GLN A 15 -3.51 -3.30 4.27
CA GLN A 15 -2.83 -2.73 5.43
C GLN A 15 -3.83 -2.13 6.41
N ARG A 16 -4.94 -1.62 5.88
CA ARG A 16 -5.98 -1.02 6.70
C ARG A 16 -6.63 -2.07 7.61
N ALA A 17 -6.42 -3.34 7.30
CA ALA A 17 -6.98 -4.43 8.09
C ALA A 17 -6.24 -4.61 9.41
N GLY A 18 -5.04 -4.05 9.49
CA GLY A 18 -4.24 -4.17 10.70
C GLY A 18 -2.79 -4.52 10.42
N ARG A 19 -1.96 -4.44 11.45
CA ARG A 19 -0.54 -4.76 11.32
C ARG A 19 -0.14 -5.88 12.26
N PRO A 20 -0.08 -7.13 11.75
CA PRO A 20 0.29 -8.29 12.57
C PRO A 20 1.68 -8.16 13.17
N LEU A 21 2.68 -8.13 12.31
CA LEU A 21 4.06 -8.01 12.74
C LEU A 21 5.01 -7.96 11.54
N GLN A 22 4.71 -8.77 10.53
CA GLN A 22 5.54 -8.83 9.33
C GLN A 22 5.16 -7.72 8.35
N GLU A 23 3.88 -7.34 8.36
CA GLU A 23 3.39 -6.29 7.48
C GLU A 23 4.10 -4.97 7.76
N ARG A 24 4.45 -4.75 9.02
CA ARG A 24 5.13 -3.52 9.42
C ARG A 24 6.47 -3.37 8.71
N VAL A 25 7.20 -4.48 8.61
CA VAL A 25 8.50 -4.47 7.94
C VAL A 25 8.36 -4.23 6.45
N PHE A 26 7.29 -4.77 5.87
CA PHE A 26 7.02 -4.62 4.44
C PHE A 26 6.81 -3.16 4.08
N LEU A 27 6.12 -2.43 4.95
CA LEU A 27 5.85 -1.02 4.71
C LEU A 27 7.16 -0.23 4.61
N VAL A 28 8.13 -0.59 5.45
CA VAL A 28 9.42 0.08 5.45
C VAL A 28 10.09 -0.04 4.09
N LYS A 29 10.12 -1.26 3.56
CA LYS A 29 10.73 -1.53 2.27
C LYS A 29 9.89 -0.93 1.15
N PHE A 30 8.57 -1.03 1.28
CA PHE A 30 7.66 -0.50 0.27
C PHE A 30 7.75 1.02 0.20
N VAL A 31 7.74 1.66 1.36
CA VAL A 31 7.83 3.12 1.42
C VAL A 31 9.19 3.60 0.93
N ARG A 32 10.23 2.83 1.24
CA ARG A 32 11.59 3.17 0.83
C ARG A 32 11.70 3.27 -0.69
N SER A 33 10.86 2.50 -1.39
CA SER A 33 10.86 2.50 -2.85
C SER A 33 9.76 3.40 -3.40
N ARG A 34 8.62 3.42 -2.71
CA ARG A 34 7.50 4.25 -3.13
C ARG A 34 7.78 5.72 -2.92
N ARG A 35 8.58 6.30 -3.81
CA ARG A 35 8.93 7.71 -3.72
C ARG A 35 7.70 8.60 -3.91
N PRO A 36 7.28 9.32 -2.86
CA PRO A 36 6.11 10.20 -2.94
C PRO A 36 6.39 11.47 -3.75
N ARG A 37 6.71 11.28 -5.03
CA ARG A 37 7.00 12.40 -5.90
C ARG A 37 6.68 12.06 -7.36
N THR A 38 6.27 13.07 -8.13
CA THR A 38 5.94 12.85 -9.53
C THR A 38 7.18 12.97 -10.41
N ALA A 39 7.03 12.63 -11.69
CA ALA A 39 8.15 12.69 -12.63
C ALA A 39 8.66 14.12 -12.77
N SER A 40 9.65 14.30 -13.63
CA SER A 40 10.24 15.62 -13.85
C SER A 40 10.80 16.20 -12.56
N GLY A 1 -11.98 9.31 -5.74
CA GLY A 1 -11.36 9.12 -7.08
C GLY A 1 -12.41 8.95 -8.17
N SER A 2 -13.56 8.38 -7.81
CA SER A 2 -14.63 8.16 -8.76
C SER A 2 -14.17 7.25 -9.90
N HIS A 3 -13.39 6.23 -9.56
CA HIS A 3 -12.88 5.29 -10.55
C HIS A 3 -13.60 3.95 -10.45
N MET A 4 -14.10 3.64 -9.26
CA MET A 4 -14.80 2.38 -9.02
C MET A 4 -13.87 1.19 -9.20
N GLY A 5 -14.22 0.07 -8.56
CA GLY A 5 -13.40 -1.12 -8.66
C GLY A 5 -13.38 -1.92 -7.38
N ARG A 6 -12.48 -2.89 -7.31
CA ARG A 6 -12.35 -3.74 -6.12
C ARG A 6 -11.28 -3.18 -5.18
N ARG A 7 -11.35 -1.88 -4.91
CA ARG A 7 -10.40 -1.23 -4.03
C ARG A 7 -10.44 -1.84 -2.63
N PHE A 8 -11.64 -2.17 -2.18
CA PHE A 8 -11.81 -2.76 -0.85
C PHE A 8 -11.14 -4.13 -0.77
N LEU A 9 -11.34 -4.94 -1.80
CA LEU A 9 -10.76 -6.27 -1.85
C LEU A 9 -9.22 -6.20 -1.85
N VAL A 10 -8.69 -5.16 -2.50
CA VAL A 10 -7.26 -4.98 -2.57
C VAL A 10 -6.67 -4.62 -1.20
N THR A 11 -7.38 -3.79 -0.45
CA THR A 11 -6.92 -3.38 0.86
C THR A 11 -6.89 -4.55 1.84
N VAL A 12 -7.99 -5.29 1.88
CA VAL A 12 -8.10 -6.44 2.77
C VAL A 12 -7.18 -7.57 2.34
N ARG A 13 -7.03 -7.75 1.03
CA ARG A 13 -6.18 -8.80 0.49
C ARG A 13 -4.73 -8.61 0.95
N ILE A 14 -4.27 -7.37 0.98
CA ILE A 14 -2.92 -7.07 1.40
C ILE A 14 -2.79 -7.10 2.92
N GLN A 15 -3.87 -6.73 3.60
CA GLN A 15 -3.87 -6.72 5.07
C GLN A 15 -3.79 -8.14 5.63
N ARG A 16 -4.37 -9.09 4.90
CA ARG A 16 -4.36 -10.49 5.32
C ARG A 16 -3.03 -11.15 4.99
N ALA A 17 -2.41 -10.73 3.88
CA ALA A 17 -1.14 -11.28 3.46
C ALA A 17 0.03 -10.57 4.14
N GLY A 18 -0.23 -9.40 4.70
CA GLY A 18 0.83 -8.65 5.38
C GLY A 18 1.06 -9.14 6.79
N ARG A 19 2.11 -8.62 7.42
CA ARG A 19 2.45 -9.00 8.79
C ARG A 19 1.29 -8.69 9.75
N PRO A 20 1.38 -9.16 11.01
CA PRO A 20 0.33 -8.94 12.00
C PRO A 20 0.11 -7.45 12.28
N LEU A 21 1.12 -6.81 12.85
CA LEU A 21 1.03 -5.40 13.18
C LEU A 21 2.32 -4.65 12.82
N GLN A 22 3.46 -5.29 13.08
CA GLN A 22 4.76 -4.70 12.79
C GLN A 22 4.80 -4.09 11.39
N GLU A 23 4.01 -4.65 10.49
CA GLU A 23 3.96 -4.16 9.11
C GLU A 23 3.57 -2.68 9.08
N ARG A 24 2.68 -2.28 9.97
CA ARG A 24 2.22 -0.90 10.03
C ARG A 24 3.38 0.07 10.24
N VAL A 25 4.32 -0.32 11.09
CA VAL A 25 5.49 0.51 11.38
C VAL A 25 6.40 0.59 10.17
N PHE A 26 6.59 -0.54 9.51
CA PHE A 26 7.43 -0.60 8.32
C PHE A 26 6.87 0.26 7.20
N LEU A 27 5.54 0.30 7.11
CA LEU A 27 4.87 1.09 6.10
C LEU A 27 5.21 2.57 6.24
N VAL A 28 5.38 3.01 7.48
CA VAL A 28 5.71 4.40 7.76
C VAL A 28 7.02 4.78 7.09
N LYS A 29 8.04 3.95 7.31
CA LYS A 29 9.35 4.19 6.72
C LYS A 29 9.32 3.96 5.22
N PHE A 30 8.53 2.98 4.79
CA PHE A 30 8.41 2.66 3.37
C PHE A 30 7.72 3.78 2.61
N VAL A 31 6.62 4.27 3.17
CA VAL A 31 5.86 5.36 2.55
C VAL A 31 6.69 6.64 2.51
N ARG A 32 7.49 6.86 3.55
CA ARG A 32 8.33 8.05 3.63
C ARG A 32 9.37 8.06 2.51
N SER A 33 9.79 6.87 2.08
CA SER A 33 10.77 6.74 1.01
C SER A 33 10.09 6.68 -0.35
N ARG A 34 10.43 7.62 -1.22
CA ARG A 34 9.86 7.67 -2.56
C ARG A 34 10.81 8.37 -3.53
N ARG A 35 11.19 7.65 -4.58
CA ARG A 35 12.10 8.20 -5.59
C ARG A 35 11.77 7.65 -6.98
N PRO A 36 10.90 8.35 -7.73
CA PRO A 36 10.51 7.93 -9.07
C PRO A 36 11.65 8.05 -10.07
N ARG A 37 11.49 7.41 -11.23
CA ARG A 37 12.51 7.45 -12.27
C ARG A 37 11.90 7.81 -13.61
N THR A 38 11.33 9.01 -13.70
CA THR A 38 10.70 9.47 -14.94
C THR A 38 9.62 8.51 -15.41
N ALA A 39 9.12 8.75 -16.61
CA ALA A 39 8.07 7.90 -17.17
C ALA A 39 7.98 8.07 -18.69
N SER A 40 7.97 9.33 -19.14
CA SER A 40 7.89 9.62 -20.56
C SER A 40 8.17 11.10 -20.82
N GLY A 1 -14.54 8.60 -6.19
CA GLY A 1 -13.83 7.30 -6.03
C GLY A 1 -12.69 7.15 -7.03
N SER A 2 -11.98 6.04 -6.93
CA SER A 2 -10.85 5.76 -7.82
C SER A 2 -10.27 4.37 -7.56
N HIS A 3 -10.15 4.01 -6.29
CA HIS A 3 -9.61 2.72 -5.90
C HIS A 3 -10.71 1.67 -5.84
N MET A 4 -10.98 1.03 -6.97
CA MET A 4 -12.01 -0.01 -7.06
C MET A 4 -11.39 -1.39 -6.96
N GLY A 5 -12.16 -2.35 -6.43
CA GLY A 5 -11.67 -3.69 -6.29
C GLY A 5 -12.40 -4.48 -5.22
N ARG A 6 -12.74 -5.72 -5.52
CA ARG A 6 -13.46 -6.57 -4.56
C ARG A 6 -12.49 -7.53 -3.87
N ARG A 7 -11.67 -8.22 -4.65
CA ARG A 7 -10.71 -9.18 -4.11
C ARG A 7 -9.70 -8.47 -3.22
N PHE A 8 -9.30 -7.26 -3.61
CA PHE A 8 -8.34 -6.48 -2.85
C PHE A 8 -8.86 -6.20 -1.44
N LEU A 9 -10.15 -5.95 -1.34
CA LEU A 9 -10.79 -5.66 -0.06
C LEU A 9 -10.59 -6.83 0.92
N VAL A 10 -10.60 -8.04 0.38
CA VAL A 10 -10.43 -9.23 1.19
C VAL A 10 -9.04 -9.28 1.82
N THR A 11 -8.02 -8.95 1.04
CA THR A 11 -6.64 -8.97 1.52
C THR A 11 -6.42 -7.91 2.59
N VAL A 12 -6.85 -6.69 2.31
CA VAL A 12 -6.69 -5.58 3.23
C VAL A 12 -7.57 -5.76 4.47
N ARG A 13 -8.77 -6.30 4.25
CA ARG A 13 -9.71 -6.53 5.35
C ARG A 13 -9.12 -7.45 6.40
N ILE A 14 -8.33 -8.42 5.96
CA ILE A 14 -7.70 -9.37 6.87
C ILE A 14 -6.48 -8.75 7.56
N GLN A 15 -5.80 -7.85 6.86
CA GLN A 15 -4.62 -7.18 7.40
C GLN A 15 -4.99 -6.35 8.62
N ARG A 16 -6.15 -5.72 8.59
CA ARG A 16 -6.61 -4.90 9.69
C ARG A 16 -6.74 -5.72 10.97
N ALA A 17 -6.94 -7.02 10.81
CA ALA A 17 -7.07 -7.91 11.96
C ALA A 17 -5.72 -8.17 12.63
N GLY A 18 -4.64 -7.88 11.92
CA GLY A 18 -3.32 -8.09 12.46
C GLY A 18 -2.35 -6.97 12.11
N ARG A 19 -2.88 -5.76 12.03
CA ARG A 19 -2.06 -4.59 11.69
C ARG A 19 -1.44 -4.74 10.30
N PRO A 20 -1.14 -3.62 9.64
CA PRO A 20 -0.55 -3.63 8.30
C PRO A 20 0.83 -4.27 8.29
N LEU A 21 1.78 -3.61 8.95
CA LEU A 21 3.15 -4.11 9.03
C LEU A 21 3.77 -4.23 7.65
N GLN A 22 3.49 -5.33 6.95
CA GLN A 22 4.02 -5.55 5.62
C GLN A 22 3.40 -4.60 4.61
N GLU A 23 2.12 -4.31 4.80
CA GLU A 23 1.40 -3.40 3.90
C GLU A 23 1.99 -2.00 3.94
N ARG A 24 2.43 -1.57 5.13
CA ARG A 24 3.02 -0.26 5.30
C ARG A 24 4.29 -0.12 4.46
N VAL A 25 5.05 -1.20 4.38
CA VAL A 25 6.30 -1.21 3.62
C VAL A 25 6.04 -0.86 2.16
N PHE A 26 4.91 -1.30 1.63
CA PHE A 26 4.55 -1.01 0.25
C PHE A 26 4.32 0.47 0.03
N LEU A 27 3.58 1.09 0.94
CA LEU A 27 3.29 2.52 0.85
C LEU A 27 4.58 3.33 0.91
N VAL A 28 5.53 2.86 1.71
CA VAL A 28 6.82 3.54 1.83
C VAL A 28 7.53 3.59 0.48
N LYS A 29 7.57 2.45 -0.19
CA LYS A 29 8.19 2.35 -1.50
C LYS A 29 7.37 3.08 -2.55
N PHE A 30 6.06 2.89 -2.49
CA PHE A 30 5.15 3.52 -3.45
C PHE A 30 5.25 5.03 -3.39
N VAL A 31 5.24 5.59 -2.18
CA VAL A 31 5.34 7.02 -2.01
C VAL A 31 6.71 7.53 -2.43
N ARG A 32 7.75 6.81 -2.03
CA ARG A 32 9.13 7.18 -2.38
C ARG A 32 9.32 7.22 -3.89
N SER A 33 8.72 6.26 -4.58
CA SER A 33 8.82 6.19 -6.03
C SER A 33 7.79 7.09 -6.70
N ARG A 34 8.06 8.39 -6.71
CA ARG A 34 7.15 9.35 -7.32
C ARG A 34 7.92 10.39 -8.12
N ARG A 35 8.99 10.92 -7.53
CA ARG A 35 9.81 11.92 -8.18
C ARG A 35 10.69 11.29 -9.26
N PRO A 36 11.00 12.04 -10.33
CA PRO A 36 11.84 11.54 -11.43
C PRO A 36 13.17 10.98 -10.94
N ARG A 37 13.97 11.84 -10.31
CA ARG A 37 15.27 11.43 -9.79
C ARG A 37 15.10 10.62 -8.51
N THR A 38 16.10 9.79 -8.22
CA THR A 38 16.08 8.96 -7.01
C THR A 38 17.45 8.89 -6.37
N ALA A 39 17.84 9.97 -5.69
CA ALA A 39 19.14 10.03 -5.02
C ALA A 39 18.98 10.14 -3.52
N SER A 40 18.47 11.28 -3.05
CA SER A 40 18.26 11.51 -1.63
C SER A 40 19.59 11.41 -0.87
N GLY A 1 -8.20 2.71 -9.59
CA GLY A 1 -8.23 2.66 -8.10
C GLY A 1 -9.09 3.74 -7.50
N SER A 2 -9.23 4.85 -8.21
CA SER A 2 -10.03 5.97 -7.74
C SER A 2 -11.52 5.68 -7.89
N HIS A 3 -12.34 6.37 -7.11
CA HIS A 3 -13.78 6.17 -7.17
C HIS A 3 -14.16 4.74 -6.81
N MET A 4 -13.37 4.13 -5.92
CA MET A 4 -13.62 2.76 -5.49
C MET A 4 -13.55 1.80 -6.67
N GLY A 5 -13.32 0.52 -6.39
CA GLY A 5 -13.23 -0.47 -7.43
C GLY A 5 -11.90 -1.20 -7.43
N ARG A 6 -11.63 -1.94 -8.52
CA ARG A 6 -10.39 -2.68 -8.63
C ARG A 6 -10.29 -3.77 -7.56
N ARG A 7 -10.11 -5.01 -7.99
CA ARG A 7 -9.99 -6.13 -7.07
C ARG A 7 -8.73 -6.03 -6.22
N PHE A 8 -7.68 -5.45 -6.80
CA PHE A 8 -6.42 -5.28 -6.10
C PHE A 8 -6.60 -4.48 -4.83
N LEU A 9 -7.48 -3.48 -4.89
CA LEU A 9 -7.75 -2.64 -3.72
C LEU A 9 -8.35 -3.45 -2.58
N VAL A 10 -9.14 -4.45 -2.93
CA VAL A 10 -9.77 -5.30 -1.95
C VAL A 10 -8.73 -6.09 -1.16
N THR A 11 -7.64 -6.46 -1.83
CA THR A 11 -6.57 -7.23 -1.20
C THR A 11 -5.87 -6.41 -0.11
N VAL A 12 -5.52 -5.17 -0.46
CA VAL A 12 -4.84 -4.29 0.47
C VAL A 12 -5.76 -3.88 1.63
N ARG A 13 -7.02 -3.65 1.30
CA ARG A 13 -8.00 -3.26 2.31
C ARG A 13 -8.13 -4.30 3.41
N ILE A 14 -8.16 -5.57 3.02
CA ILE A 14 -8.29 -6.65 3.97
C ILE A 14 -6.99 -6.88 4.74
N GLN A 15 -5.86 -6.60 4.08
CA GLN A 15 -4.56 -6.77 4.70
C GLN A 15 -4.39 -5.82 5.89
N ARG A 16 -5.01 -4.65 5.79
CA ARG A 16 -4.93 -3.66 6.85
C ARG A 16 -5.87 -4.01 8.00
N ALA A 17 -6.89 -4.79 7.71
CA ALA A 17 -7.86 -5.20 8.72
C ALA A 17 -7.45 -6.50 9.40
N GLY A 18 -6.20 -6.91 9.19
CA GLY A 18 -5.71 -8.14 9.80
C GLY A 18 -4.71 -7.88 10.90
N ARG A 19 -3.50 -8.40 10.72
CA ARG A 19 -2.44 -8.23 11.72
C ARG A 19 -1.08 -8.13 11.03
N PRO A 20 -0.68 -6.90 10.62
CA PRO A 20 0.60 -6.67 9.96
C PRO A 20 1.79 -7.01 10.87
N LEU A 21 1.85 -6.31 12.00
CA LEU A 21 2.91 -6.53 12.97
C LEU A 21 4.26 -6.08 12.41
N GLN A 22 4.87 -6.93 11.58
CA GLN A 22 6.16 -6.63 10.98
C GLN A 22 5.98 -5.88 9.66
N GLU A 23 4.91 -6.20 8.94
CA GLU A 23 4.63 -5.56 7.66
C GLU A 23 4.49 -4.05 7.83
N ARG A 24 4.06 -3.63 9.01
CA ARG A 24 3.88 -2.21 9.30
C ARG A 24 5.21 -1.46 9.25
N VAL A 25 6.23 -2.06 9.85
CA VAL A 25 7.55 -1.46 9.88
C VAL A 25 8.18 -1.42 8.49
N PHE A 26 7.93 -2.46 7.71
CA PHE A 26 8.47 -2.55 6.35
C PHE A 26 7.98 -1.38 5.50
N LEU A 27 6.74 -0.96 5.72
CA LEU A 27 6.16 0.14 4.97
C LEU A 27 6.96 1.42 5.18
N VAL A 28 7.44 1.62 6.41
CA VAL A 28 8.22 2.80 6.74
C VAL A 28 9.48 2.86 5.89
N LYS A 29 10.22 1.76 5.87
CA LYS A 29 11.45 1.67 5.10
C LYS A 29 11.15 1.64 3.60
N PHE A 30 10.05 0.99 3.24
CA PHE A 30 9.65 0.89 1.84
C PHE A 30 9.26 2.26 1.28
N VAL A 31 8.45 2.99 2.04
CA VAL A 31 8.02 4.31 1.62
C VAL A 31 9.19 5.29 1.56
N ARG A 32 10.12 5.13 2.49
CA ARG A 32 11.30 5.99 2.54
C ARG A 32 12.22 5.72 1.36
N SER A 33 12.34 4.46 0.99
CA SER A 33 13.20 4.06 -0.14
C SER A 33 12.36 3.79 -1.38
N ARG A 34 12.07 4.85 -2.14
CA ARG A 34 11.27 4.72 -3.35
C ARG A 34 11.80 5.66 -4.43
N ARG A 35 11.26 5.52 -5.64
CA ARG A 35 11.67 6.35 -6.77
C ARG A 35 10.47 7.11 -7.35
N PRO A 36 10.33 8.40 -6.99
CA PRO A 36 9.22 9.22 -7.48
C PRO A 36 9.32 9.49 -8.97
N ARG A 37 8.25 9.19 -9.71
CA ARG A 37 8.22 9.39 -11.15
C ARG A 37 6.97 10.15 -11.56
N THR A 38 7.16 11.35 -12.10
CA THR A 38 6.04 12.18 -12.54
C THR A 38 6.03 12.33 -14.06
N ALA A 39 4.86 12.13 -14.66
CA ALA A 39 4.71 12.24 -16.10
C ALA A 39 4.15 13.60 -16.49
N SER A 40 4.46 14.62 -15.70
CA SER A 40 3.98 15.97 -15.96
C SER A 40 2.45 16.02 -15.99
N GLY A 1 -16.67 2.54 -6.34
CA GLY A 1 -17.39 1.59 -5.46
C GLY A 1 -18.07 0.48 -6.22
N SER A 2 -19.40 0.48 -6.23
CA SER A 2 -20.17 -0.53 -6.94
C SER A 2 -21.66 -0.19 -6.91
N HIS A 3 -22.47 -1.08 -7.49
CA HIS A 3 -23.91 -0.87 -7.54
C HIS A 3 -24.65 -2.20 -7.66
N MET A 4 -24.17 -3.07 -8.55
CA MET A 4 -24.78 -4.37 -8.75
C MET A 4 -23.99 -5.46 -8.02
N GLY A 5 -23.58 -5.17 -6.80
CA GLY A 5 -22.82 -6.13 -6.03
C GLY A 5 -21.74 -5.48 -5.18
N ARG A 6 -21.09 -6.28 -4.34
CA ARG A 6 -20.02 -5.76 -3.48
C ARG A 6 -19.10 -6.89 -3.04
N ARG A 7 -19.01 -7.94 -3.86
CA ARG A 7 -18.16 -9.08 -3.54
C ARG A 7 -16.68 -8.71 -3.67
N PHE A 8 -16.36 -7.89 -4.67
CA PHE A 8 -15.00 -7.46 -4.90
C PHE A 8 -14.46 -6.64 -3.72
N LEU A 9 -15.32 -5.80 -3.17
CA LEU A 9 -14.97 -4.96 -2.04
C LEU A 9 -14.49 -5.79 -0.86
N VAL A 10 -15.09 -6.97 -0.70
CA VAL A 10 -14.76 -7.86 0.38
C VAL A 10 -13.34 -8.42 0.22
N THR A 11 -12.99 -8.81 -0.99
CA THR A 11 -11.67 -9.37 -1.26
C THR A 11 -10.57 -8.33 -1.08
N VAL A 12 -10.76 -7.16 -1.68
CA VAL A 12 -9.79 -6.08 -1.59
C VAL A 12 -9.60 -5.61 -0.15
N ARG A 13 -10.68 -5.61 0.63
CA ARG A 13 -10.63 -5.18 2.02
C ARG A 13 -9.65 -6.04 2.83
N ILE A 14 -9.57 -7.32 2.49
CA ILE A 14 -8.67 -8.24 3.19
C ILE A 14 -7.21 -7.87 2.94
N GLN A 15 -6.92 -7.32 1.76
CA GLN A 15 -5.58 -6.92 1.41
C GLN A 15 -5.12 -5.73 2.24
N ARG A 16 -6.07 -4.92 2.70
CA ARG A 16 -5.77 -3.75 3.51
C ARG A 16 -5.11 -4.15 4.83
N ALA A 17 -5.23 -5.42 5.21
CA ALA A 17 -4.64 -5.91 6.45
C ALA A 17 -3.21 -6.38 6.25
N GLY A 18 -2.62 -6.05 5.11
CA GLY A 18 -1.26 -6.45 4.83
C GLY A 18 -0.24 -5.45 5.32
N ARG A 19 0.91 -5.93 5.78
CA ARG A 19 1.98 -5.07 6.28
C ARG A 19 1.49 -4.25 7.47
N PRO A 20 1.19 -4.92 8.60
CA PRO A 20 0.73 -4.25 9.82
C PRO A 20 1.77 -3.30 10.39
N LEU A 21 2.88 -3.87 10.84
CA LEU A 21 3.97 -3.09 11.42
C LEU A 21 5.12 -2.92 10.43
N GLN A 22 5.24 -3.87 9.51
CA GLN A 22 6.29 -3.84 8.50
C GLN A 22 6.19 -2.58 7.64
N GLU A 23 5.02 -1.96 7.63
CA GLU A 23 4.81 -0.74 6.85
C GLU A 23 5.66 0.41 7.37
N ARG A 24 5.92 0.42 8.67
CA ARG A 24 6.72 1.47 9.28
C ARG A 24 8.16 1.43 8.79
N VAL A 25 8.73 0.24 8.75
CA VAL A 25 10.11 0.06 8.31
C VAL A 25 10.24 0.34 6.81
N PHE A 26 9.26 -0.12 6.05
CA PHE A 26 9.26 0.06 4.60
C PHE A 26 9.30 1.54 4.24
N LEU A 27 8.62 2.36 5.05
CA LEU A 27 8.58 3.80 4.81
C LEU A 27 9.98 4.40 4.86
N VAL A 28 10.79 3.92 5.79
CA VAL A 28 12.15 4.41 5.94
C VAL A 28 12.96 4.16 4.65
N LYS A 29 12.90 2.94 4.17
CA LYS A 29 13.61 2.56 2.94
C LYS A 29 12.98 3.21 1.73
N PHE A 30 11.65 3.29 1.73
CA PHE A 30 10.91 3.89 0.62
C PHE A 30 11.22 5.37 0.50
N VAL A 31 11.18 6.08 1.62
CA VAL A 31 11.45 7.50 1.64
C VAL A 31 12.91 7.79 1.34
N ARG A 32 13.79 6.92 1.82
CA ARG A 32 15.23 7.07 1.61
C ARG A 32 15.60 6.82 0.16
N SER A 33 14.92 5.87 -0.47
CA SER A 33 15.19 5.52 -1.86
C SER A 33 14.01 5.89 -2.75
N ARG A 34 14.01 5.39 -3.98
CA ARG A 34 12.94 5.66 -4.92
C ARG A 34 12.83 7.15 -5.21
N ARG A 35 11.87 7.51 -6.06
CA ARG A 35 11.65 8.90 -6.43
C ARG A 35 12.91 9.52 -7.03
N PRO A 36 13.26 9.13 -8.27
CA PRO A 36 14.45 9.63 -8.95
C PRO A 36 14.28 11.07 -9.43
N ARG A 37 15.27 11.91 -9.15
CA ARG A 37 15.22 13.31 -9.56
C ARG A 37 16.60 13.96 -9.43
N THR A 38 17.08 14.07 -8.19
CA THR A 38 18.38 14.68 -7.94
C THR A 38 19.47 13.61 -7.85
N ALA A 39 20.71 14.00 -8.09
CA ALA A 39 21.83 13.09 -8.03
C ALA A 39 22.26 12.84 -6.59
N SER A 40 23.32 12.05 -6.41
CA SER A 40 23.82 11.73 -5.09
C SER A 40 25.14 12.45 -4.82
N GLY A 1 -30.70 0.33 -12.90
CA GLY A 1 -29.30 0.61 -12.48
C GLY A 1 -28.46 -0.65 -12.41
N SER A 2 -28.58 -1.38 -11.30
CA SER A 2 -27.81 -2.61 -11.11
C SER A 2 -26.32 -2.33 -11.13
N HIS A 3 -25.78 -1.89 -10.01
CA HIS A 3 -24.36 -1.60 -9.90
C HIS A 3 -23.60 -2.74 -9.24
N MET A 4 -22.45 -3.08 -9.80
CA MET A 4 -21.63 -4.16 -9.27
C MET A 4 -20.40 -3.61 -8.56
N GLY A 5 -20.18 -4.08 -7.33
CA GLY A 5 -19.03 -3.62 -6.57
C GLY A 5 -17.94 -4.67 -6.49
N ARG A 6 -16.94 -4.41 -5.65
CA ARG A 6 -15.82 -5.34 -5.48
C ARG A 6 -15.85 -5.97 -4.09
N ARG A 7 -16.28 -7.22 -4.03
CA ARG A 7 -16.36 -7.94 -2.77
C ARG A 7 -14.96 -8.24 -2.23
N PHE A 8 -14.04 -8.54 -3.13
CA PHE A 8 -12.66 -8.84 -2.74
C PHE A 8 -12.03 -7.65 -2.02
N LEU A 9 -12.31 -6.44 -2.51
CA LEU A 9 -11.78 -5.23 -1.92
C LEU A 9 -12.17 -5.11 -0.45
N VAL A 10 -13.37 -5.56 -0.13
CA VAL A 10 -13.88 -5.52 1.23
C VAL A 10 -13.13 -6.50 2.13
N THR A 11 -12.91 -7.70 1.63
CA THR A 11 -12.22 -8.73 2.40
C THR A 11 -10.76 -8.35 2.66
N VAL A 12 -10.07 -7.95 1.60
CA VAL A 12 -8.67 -7.57 1.71
C VAL A 12 -8.49 -6.38 2.64
N ARG A 13 -9.43 -5.44 2.56
CA ARG A 13 -9.37 -4.24 3.40
C ARG A 13 -9.39 -4.62 4.88
N ILE A 14 -10.14 -5.66 5.21
CA ILE A 14 -10.26 -6.12 6.59
C ILE A 14 -9.03 -6.92 7.00
N GLN A 15 -8.46 -7.65 6.04
CA GLN A 15 -7.28 -8.46 6.30
C GLN A 15 -6.04 -7.58 6.49
N ARG A 16 -6.03 -6.45 5.80
CA ARG A 16 -4.92 -5.51 5.89
C ARG A 16 -5.01 -4.66 7.16
N ALA A 17 -6.22 -4.49 7.66
CA ALA A 17 -6.45 -3.70 8.86
C ALA A 17 -6.02 -4.47 10.11
N GLY A 18 -5.87 -5.78 9.98
CA GLY A 18 -5.47 -6.60 11.11
C GLY A 18 -4.00 -6.45 11.44
N ARG A 19 -3.15 -6.61 10.44
CA ARG A 19 -1.70 -6.48 10.63
C ARG A 19 -1.20 -5.16 10.04
N PRO A 20 -0.07 -4.64 10.56
CA PRO A 20 0.51 -3.38 10.08
C PRO A 20 0.88 -3.45 8.61
N LEU A 21 1.89 -4.25 8.30
CA LEU A 21 2.36 -4.42 6.92
C LEU A 21 2.97 -3.13 6.37
N GLN A 22 3.19 -2.16 7.26
CA GLN A 22 3.77 -0.88 6.86
C GLN A 22 5.28 -1.00 6.64
N GLU A 23 5.89 -1.98 7.30
CA GLU A 23 7.32 -2.21 7.16
C GLU A 23 7.73 -2.35 5.70
N ARG A 24 6.88 -3.02 4.93
CA ARG A 24 7.15 -3.23 3.51
C ARG A 24 7.12 -1.91 2.74
N VAL A 25 6.22 -1.02 3.15
CA VAL A 25 6.08 0.28 2.51
C VAL A 25 7.32 1.13 2.74
N PHE A 26 7.92 1.00 3.92
CA PHE A 26 9.11 1.76 4.27
C PHE A 26 10.26 1.45 3.31
N LEU A 27 10.41 0.17 2.98
CA LEU A 27 11.47 -0.25 2.07
C LEU A 27 11.29 0.40 0.70
N VAL A 28 10.04 0.52 0.28
CA VAL A 28 9.73 1.14 -1.01
C VAL A 28 10.24 2.57 -1.06
N LYS A 29 9.94 3.32 -0.02
CA LYS A 29 10.37 4.72 0.07
C LYS A 29 11.88 4.80 0.27
N PHE A 30 12.41 3.89 1.08
CA PHE A 30 13.84 3.86 1.36
C PHE A 30 14.63 3.50 0.11
N VAL A 31 14.17 2.47 -0.60
CA VAL A 31 14.84 2.03 -1.81
C VAL A 31 14.68 3.06 -2.93
N ARG A 32 13.52 3.71 -2.96
CA ARG A 32 13.24 4.73 -3.98
C ARG A 32 14.27 5.85 -3.91
N SER A 33 14.55 6.33 -2.70
CA SER A 33 15.51 7.41 -2.51
C SER A 33 16.37 7.15 -1.26
N ARG A 34 17.68 7.11 -1.46
CA ARG A 34 18.61 6.87 -0.36
C ARG A 34 19.70 7.95 -0.32
N ARG A 35 20.18 8.35 -1.49
CA ARG A 35 21.22 9.37 -1.57
C ARG A 35 20.61 10.75 -1.80
N PRO A 36 20.67 11.63 -0.80
CA PRO A 36 20.12 12.99 -0.91
C PRO A 36 20.72 13.77 -2.07
N ARG A 37 20.09 14.88 -2.42
CA ARG A 37 20.56 15.71 -3.52
C ARG A 37 20.60 14.93 -4.82
N THR A 38 20.90 15.62 -5.92
CA THR A 38 20.98 15.00 -7.24
C THR A 38 19.83 14.02 -7.46
N ALA A 39 18.64 14.56 -7.72
CA ALA A 39 17.46 13.75 -7.96
C ALA A 39 16.50 14.42 -8.94
N SER A 40 15.88 15.51 -8.50
CA SER A 40 14.95 16.24 -9.33
C SER A 40 15.69 17.04 -10.40
N GLY A 1 -18.72 -4.86 -2.65
CA GLY A 1 -20.01 -4.35 -3.20
C GLY A 1 -19.82 -3.10 -4.05
N SER A 2 -19.00 -2.18 -3.56
CA SER A 2 -18.74 -0.93 -4.28
C SER A 2 -17.25 -0.62 -4.29
N HIS A 3 -16.55 -1.14 -5.30
CA HIS A 3 -15.12 -0.92 -5.43
C HIS A 3 -14.81 0.57 -5.58
N MET A 4 -13.66 0.98 -5.06
CA MET A 4 -13.25 2.39 -5.13
C MET A 4 -12.64 2.70 -6.48
N GLY A 5 -11.91 1.73 -7.03
CA GLY A 5 -11.27 1.93 -8.33
C GLY A 5 -11.15 0.64 -9.11
N ARG A 6 -10.62 -0.39 -8.48
CA ARG A 6 -10.45 -1.70 -9.13
C ARG A 6 -10.67 -2.83 -8.14
N ARG A 7 -10.93 -4.02 -8.66
CA ARG A 7 -11.16 -5.20 -7.82
C ARG A 7 -9.91 -5.53 -7.00
N PHE A 8 -8.77 -5.56 -7.67
CA PHE A 8 -7.50 -5.86 -7.01
C PHE A 8 -7.14 -4.77 -6.00
N LEU A 9 -7.52 -3.53 -6.32
CA LEU A 9 -7.23 -2.40 -5.45
C LEU A 9 -7.90 -2.58 -4.09
N VAL A 10 -9.09 -3.19 -4.10
CA VAL A 10 -9.83 -3.41 -2.87
C VAL A 10 -9.10 -4.39 -1.94
N THR A 11 -8.51 -5.42 -2.53
CA THR A 11 -7.79 -6.44 -1.76
C THR A 11 -6.55 -5.87 -1.09
N VAL A 12 -5.76 -5.12 -1.85
CA VAL A 12 -4.54 -4.52 -1.33
C VAL A 12 -4.83 -3.43 -0.30
N ARG A 13 -5.90 -2.67 -0.54
CA ARG A 13 -6.27 -1.58 0.36
C ARG A 13 -6.80 -2.10 1.70
N ILE A 14 -7.63 -3.14 1.63
CA ILE A 14 -8.21 -3.72 2.83
C ILE A 14 -7.17 -4.50 3.63
N GLN A 15 -6.20 -5.09 2.92
CA GLN A 15 -5.15 -5.86 3.56
C GLN A 15 -4.31 -4.96 4.47
N ARG A 16 -4.20 -3.68 4.12
CA ARG A 16 -3.43 -2.73 4.91
C ARG A 16 -3.96 -2.64 6.33
N ALA A 17 -5.26 -2.85 6.50
CA ALA A 17 -5.90 -2.78 7.80
C ALA A 17 -5.93 -4.16 8.47
N GLY A 18 -5.16 -5.11 7.92
CA GLY A 18 -5.13 -6.45 8.50
C GLY A 18 -4.13 -6.56 9.64
N ARG A 19 -2.95 -7.10 9.34
CA ARG A 19 -1.91 -7.26 10.34
C ARG A 19 -0.51 -7.11 9.72
N PRO A 20 -0.12 -5.86 9.40
CA PRO A 20 1.19 -5.59 8.80
C PRO A 20 2.34 -6.01 9.71
N LEU A 21 2.43 -5.37 10.86
CA LEU A 21 3.48 -5.66 11.83
C LEU A 21 4.84 -5.21 11.32
N GLN A 22 5.34 -5.91 10.30
CA GLN A 22 6.63 -5.58 9.71
C GLN A 22 6.45 -5.01 8.31
N GLU A 23 5.41 -5.45 7.62
CA GLU A 23 5.14 -4.99 6.27
C GLU A 23 4.89 -3.48 6.24
N ARG A 24 4.28 -2.97 7.30
CA ARG A 24 3.99 -1.55 7.40
C ARG A 24 5.28 -0.73 7.45
N VAL A 25 6.23 -1.20 8.23
CA VAL A 25 7.52 -0.53 8.38
C VAL A 25 8.32 -0.60 7.08
N PHE A 26 8.21 -1.72 6.37
CA PHE A 26 8.93 -1.90 5.12
C PHE A 26 8.46 -0.89 4.07
N LEU A 27 7.15 -0.68 4.00
CA LEU A 27 6.59 0.26 3.04
C LEU A 27 7.12 1.67 3.29
N VAL A 28 7.21 2.04 4.55
CA VAL A 28 7.72 3.36 4.92
C VAL A 28 9.14 3.55 4.43
N LYS A 29 9.97 2.55 4.66
CA LYS A 29 11.37 2.59 4.22
C LYS A 29 11.48 2.49 2.71
N PHE A 30 10.66 1.62 2.13
CA PHE A 30 10.67 1.42 0.68
C PHE A 30 10.19 2.69 -0.03
N VAL A 31 9.10 3.26 0.45
CA VAL A 31 8.53 4.47 -0.14
C VAL A 31 9.45 5.66 0.10
N ARG A 32 10.09 5.69 1.26
CA ARG A 32 11.00 6.77 1.62
C ARG A 32 12.20 6.81 0.68
N SER A 33 12.58 5.64 0.18
CA SER A 33 13.72 5.53 -0.74
C SER A 33 13.27 5.62 -2.19
N ARG A 34 12.07 5.10 -2.46
CA ARG A 34 11.52 5.12 -3.81
C ARG A 34 10.21 5.90 -3.84
N ARG A 35 10.31 7.21 -4.08
CA ARG A 35 9.14 8.07 -4.15
C ARG A 35 8.34 7.82 -5.41
N PRO A 36 7.11 7.27 -5.29
CA PRO A 36 6.26 6.98 -6.45
C PRO A 36 6.03 8.21 -7.32
N ARG A 37 5.91 9.36 -6.68
CA ARG A 37 5.68 10.61 -7.40
C ARG A 37 6.99 11.36 -7.63
N THR A 38 7.47 11.33 -8.86
CA THR A 38 8.72 12.01 -9.22
C THR A 38 9.88 11.54 -8.32
N ALA A 39 11.00 12.24 -8.39
CA ALA A 39 12.17 11.91 -7.59
C ALA A 39 12.68 10.51 -7.94
N SER A 40 12.60 10.15 -9.21
CA SER A 40 13.06 8.85 -9.67
C SER A 40 12.27 7.73 -8.99
N GLY A 1 -10.37 4.54 -7.19
CA GLY A 1 -10.58 4.27 -5.75
C GLY A 1 -11.53 3.11 -5.50
N SER A 2 -12.60 3.06 -6.28
CA SER A 2 -13.59 1.99 -6.15
C SER A 2 -14.60 2.04 -7.29
N HIS A 3 -14.66 0.97 -8.06
CA HIS A 3 -15.59 0.89 -9.18
C HIS A 3 -16.65 -0.19 -8.94
N MET A 4 -17.42 -0.50 -9.98
CA MET A 4 -18.47 -1.50 -9.89
C MET A 4 -17.89 -2.91 -10.05
N GLY A 5 -17.93 -3.68 -8.96
CA GLY A 5 -17.41 -5.04 -9.01
C GLY A 5 -17.23 -5.62 -7.63
N ARG A 6 -16.21 -6.48 -7.48
CA ARG A 6 -15.93 -7.12 -6.20
C ARG A 6 -14.81 -6.39 -5.46
N ARG A 7 -14.72 -5.08 -5.67
CA ARG A 7 -13.70 -4.27 -5.02
C ARG A 7 -13.93 -4.19 -3.51
N PHE A 8 -15.20 -4.03 -3.12
CA PHE A 8 -15.55 -3.94 -1.71
C PHE A 8 -15.17 -5.22 -0.97
N LEU A 9 -15.30 -6.35 -1.65
CA LEU A 9 -14.96 -7.64 -1.06
C LEU A 9 -13.49 -7.69 -0.67
N VAL A 10 -12.64 -7.03 -1.45
CA VAL A 10 -11.22 -7.01 -1.20
C VAL A 10 -10.92 -6.33 0.14
N THR A 11 -11.70 -5.31 0.49
CA THR A 11 -11.51 -4.59 1.73
C THR A 11 -11.81 -5.46 2.94
N VAL A 12 -12.95 -6.13 2.91
CA VAL A 12 -13.37 -7.00 4.01
C VAL A 12 -12.41 -8.18 4.19
N ARG A 13 -11.92 -8.70 3.07
CA ARG A 13 -11.00 -9.83 3.10
C ARG A 13 -9.74 -9.51 3.88
N ILE A 14 -9.31 -8.24 3.81
CA ILE A 14 -8.11 -7.81 4.52
C ILE A 14 -8.37 -7.71 6.02
N GLN A 15 -9.61 -7.38 6.38
CA GLN A 15 -9.98 -7.24 7.78
C GLN A 15 -9.78 -8.56 8.52
N ARG A 16 -9.96 -9.67 7.81
CA ARG A 16 -9.79 -10.99 8.40
C ARG A 16 -8.31 -11.34 8.56
N ALA A 17 -7.48 -10.77 7.69
CA ALA A 17 -6.05 -11.02 7.74
C ALA A 17 -5.38 -10.28 8.90
N GLY A 18 -6.09 -9.28 9.44
CA GLY A 18 -5.55 -8.51 10.55
C GLY A 18 -4.91 -7.21 10.10
N ARG A 19 -4.08 -6.64 10.95
CA ARG A 19 -3.41 -5.38 10.64
C ARG A 19 -2.22 -5.62 9.71
N PRO A 20 -1.71 -4.55 9.07
CA PRO A 20 -0.57 -4.65 8.15
C PRO A 20 0.68 -5.15 8.84
N LEU A 21 1.20 -4.36 9.75
CA LEU A 21 2.40 -4.71 10.51
C LEU A 21 3.65 -4.72 9.61
N GLN A 22 3.49 -4.22 8.39
CA GLN A 22 4.60 -4.17 7.44
C GLN A 22 4.98 -2.73 7.09
N GLU A 23 4.23 -1.77 7.62
CA GLU A 23 4.48 -0.36 7.36
C GLU A 23 5.92 0.02 7.74
N ARG A 24 6.45 -0.65 8.75
CA ARG A 24 7.81 -0.38 9.20
C ARG A 24 8.82 -0.73 8.12
N VAL A 25 8.63 -1.89 7.50
CA VAL A 25 9.53 -2.35 6.45
C VAL A 25 9.40 -1.48 5.20
N PHE A 26 8.19 -1.02 4.93
CA PHE A 26 7.94 -0.17 3.77
C PHE A 26 8.66 1.16 3.91
N LEU A 27 8.70 1.68 5.12
CA LEU A 27 9.36 2.96 5.39
C LEU A 27 10.84 2.89 5.04
N VAL A 28 11.44 1.73 5.29
CA VAL A 28 12.85 1.54 4.99
C VAL A 28 13.13 1.73 3.51
N LYS A 29 12.33 1.07 2.68
CA LYS A 29 12.47 1.16 1.24
C LYS A 29 12.05 2.55 0.74
N PHE A 30 11.00 3.09 1.35
CA PHE A 30 10.50 4.41 0.96
C PHE A 30 11.52 5.49 1.29
N VAL A 31 12.08 5.44 2.49
CA VAL A 31 13.06 6.42 2.92
C VAL A 31 14.34 6.30 2.09
N ARG A 32 14.69 5.08 1.73
CA ARG A 32 15.88 4.82 0.93
C ARG A 32 15.78 5.50 -0.43
N SER A 33 14.56 5.58 -0.95
CA SER A 33 14.32 6.20 -2.25
C SER A 33 13.04 7.05 -2.21
N ARG A 34 13.21 8.37 -2.18
CA ARG A 34 12.08 9.28 -2.15
C ARG A 34 11.58 9.58 -3.56
N ARG A 35 12.28 10.47 -4.25
CA ARG A 35 11.91 10.85 -5.61
C ARG A 35 13.04 10.55 -6.59
N PRO A 36 12.79 9.72 -7.61
CA PRO A 36 13.80 9.35 -8.61
C PRO A 36 14.41 10.57 -9.28
N ARG A 37 13.65 11.67 -9.32
CA ARG A 37 14.12 12.90 -9.94
C ARG A 37 14.40 12.70 -11.43
N THR A 38 14.28 13.76 -12.21
CA THR A 38 14.52 13.70 -13.64
C THR A 38 15.98 14.01 -13.96
N ALA A 39 16.32 15.30 -14.00
CA ALA A 39 17.68 15.74 -14.30
C ALA A 39 17.77 17.26 -14.34
N SER A 40 17.25 17.84 -15.41
CA SER A 40 17.27 19.29 -15.57
C SER A 40 16.06 19.78 -16.35
#